data_5ET0
#
_entry.id   5ET0
#
_cell.length_a   39.740
_cell.length_b   68.780
_cell.length_c   173.450
_cell.angle_alpha   90.000
_cell.angle_beta   90.040
_cell.angle_gamma   90.000
#
_symmetry.space_group_name_H-M   'P 1 2 1'
#
loop_
_entity.id
_entity.type
_entity.pdbx_description
1 polymer Espin
2 polymer Myosin-IIIb
3 water water
#
loop_
_entity_poly.entity_id
_entity_poly.type
_entity_poly.pdbx_seq_one_letter_code
_entity_poly.pdbx_strand_id
1 'polypeptide(L)'
;GSMALEQALQAARRGDLDVLRSLHAAGLLGPSLRDSLDALPVHHAARSGKLHCLRYLVEEVALPAVSRARNGATPAHDAA
ATGYLSCLQWLLTQGGCRVQEKDNSGATVLHLAARFGHPDVVKWLLYQGGANSAITTDTGALPIHYAAAKGDLPSLKLLV
GHYPEGVNAQTNNGATPLYLACQEGHLEVTKYLVQECSADPHLRAQDGMTPLHAAAQMGHNPVLVWLVSFADVSFSEQDH
DGATAMHFAASRGHTKVLSWLLLHGAEISQDLWGGTPLHDAAENGELECCQILAVNGAGLDVRDHDGYTAADLAEFNGHT
HCSRYLRTVQTLSLEHRVLSRDQSMDLEAKQLDS
;
A,C
2 'polypeptide(L)' SQRKPRKLGQIKVLDGEDQYYKCLSPGACAPEETHSVHPFFFSSSPREDPFAQH B,D
#
# COMPACT_ATOMS: atom_id res chain seq x y z
N SER A 2 -26.91 -30.82 -12.00
CA SER A 2 -26.66 -29.75 -12.97
C SER A 2 -25.15 -29.52 -13.11
N MET A 3 -24.39 -30.62 -13.20
CA MET A 3 -22.93 -30.52 -13.31
C MET A 3 -22.51 -29.79 -14.58
N ALA A 4 -23.24 -30.00 -15.67
CA ALA A 4 -22.87 -29.38 -16.94
C ALA A 4 -22.93 -27.86 -16.84
N LEU A 5 -24.00 -27.32 -16.26
CA LEU A 5 -24.17 -25.87 -16.19
C LEU A 5 -22.97 -25.19 -15.52
N GLU A 6 -22.59 -25.64 -14.31
CA GLU A 6 -21.52 -24.96 -13.57
C GLU A 6 -20.20 -24.98 -14.32
N GLN A 7 -19.86 -26.10 -14.97
CA GLN A 7 -18.58 -26.16 -15.69
C GLN A 7 -18.59 -25.24 -16.90
N ALA A 8 -19.66 -25.25 -17.68
CA ALA A 8 -19.74 -24.38 -18.85
C ALA A 8 -19.65 -22.90 -18.45
N LEU A 9 -20.38 -22.50 -17.41
CA LEU A 9 -20.37 -21.11 -16.97
C LEU A 9 -18.97 -20.67 -16.50
N GLN A 10 -18.28 -21.54 -15.73
CA GLN A 10 -16.92 -21.20 -15.25
C GLN A 10 -15.90 -21.19 -16.39
N ALA A 11 -15.93 -22.20 -17.26
CA ALA A 11 -14.97 -22.24 -18.36
C ALA A 11 -15.14 -21.03 -19.25
N ALA A 12 -16.40 -20.63 -19.46
CA ALA A 12 -16.72 -19.47 -20.29
C ALA A 12 -16.20 -18.19 -19.66
N ARG A 13 -16.28 -18.12 -18.32
CA ARG A 13 -15.88 -16.92 -17.59
C ARG A 13 -14.37 -16.79 -17.42
N ARG A 14 -13.67 -17.94 -17.27
CA ARG A 14 -12.21 -17.97 -17.12
C ARG A 14 -11.49 -17.79 -18.45
N GLY A 15 -12.18 -18.03 -19.56
CA GLY A 15 -11.57 -18.06 -20.87
C GLY A 15 -11.14 -19.44 -21.31
N ASP A 16 -11.70 -20.51 -20.73
CA ASP A 16 -11.18 -21.85 -20.94
C ASP A 16 -11.81 -22.43 -22.20
N LEU A 17 -11.19 -22.14 -23.34
CA LEU A 17 -11.64 -22.73 -24.60
C LEU A 17 -11.54 -24.25 -24.54
N ASP A 18 -10.49 -24.77 -23.91
CA ASP A 18 -10.27 -26.23 -23.89
C ASP A 18 -11.44 -26.98 -23.25
N VAL A 19 -11.91 -26.50 -22.09
CA VAL A 19 -13.09 -27.13 -21.46
C VAL A 19 -14.32 -26.99 -22.34
N LEU A 20 -14.57 -25.79 -22.89
CA LEU A 20 -15.75 -25.58 -23.71
C LEU A 20 -15.81 -26.59 -24.86
N ARG A 21 -14.76 -26.68 -25.66
CA ARG A 21 -14.75 -27.67 -26.72
C ARG A 21 -14.82 -29.10 -26.19
N SER A 22 -14.51 -29.31 -24.90
CA SER A 22 -14.63 -30.64 -24.30
C SER A 22 -16.09 -30.97 -23.99
N LEU A 23 -16.74 -30.14 -23.16
CA LEU A 23 -18.18 -30.24 -22.92
C LEU A 23 -18.95 -30.43 -24.22
N HIS A 24 -18.79 -29.49 -25.16
CA HIS A 24 -19.44 -29.55 -26.46
C HIS A 24 -19.29 -30.92 -27.13
N ALA A 25 -18.05 -31.38 -27.33
CA ALA A 25 -17.86 -32.67 -27.99
C ALA A 25 -18.53 -33.81 -27.21
N ALA A 26 -18.71 -33.64 -25.90
CA ALA A 26 -19.41 -34.64 -25.11
C ALA A 26 -20.93 -34.47 -25.19
N GLY A 27 -21.43 -33.60 -26.07
CA GLY A 27 -22.86 -33.37 -26.18
C GLY A 27 -23.52 -32.77 -24.97
N LEU A 28 -22.77 -32.04 -24.13
CA LEU A 28 -23.34 -31.47 -22.91
C LEU A 28 -23.80 -30.04 -23.06
N LEU A 29 -23.39 -29.33 -24.10
CA LEU A 29 -23.92 -28.01 -24.37
C LEU A 29 -25.46 -28.06 -24.43
N ASP A 35 -28.96 -20.73 -15.94
CA ASP A 35 -28.93 -20.63 -14.48
C ASP A 35 -30.27 -20.19 -13.86
N SER A 36 -30.18 -19.70 -12.62
CA SER A 36 -31.37 -19.29 -11.87
C SER A 36 -31.93 -17.97 -12.35
N LEU A 37 -31.12 -17.14 -13.01
CA LEU A 37 -31.57 -15.88 -13.58
C LEU A 37 -31.86 -15.98 -15.07
N ASP A 38 -31.74 -17.20 -15.64
CA ASP A 38 -31.98 -17.57 -17.03
C ASP A 38 -30.87 -17.12 -17.98
N ALA A 39 -29.68 -16.81 -17.46
CA ALA A 39 -28.57 -16.49 -18.35
C ALA A 39 -27.88 -17.77 -18.87
N LEU A 40 -27.02 -17.59 -19.88
CA LEU A 40 -26.41 -18.70 -20.60
C LEU A 40 -24.89 -18.57 -20.65
N PRO A 41 -24.17 -19.56 -21.19
CA PRO A 41 -22.70 -19.43 -21.27
C PRO A 41 -22.26 -18.30 -22.19
N VAL A 42 -23.03 -18.01 -23.24
CA VAL A 42 -22.83 -16.79 -24.02
C VAL A 42 -22.89 -15.56 -23.13
N HIS A 43 -23.74 -15.59 -22.11
CA HIS A 43 -23.78 -14.46 -21.20
C HIS A 43 -22.49 -14.36 -20.41
N HIS A 44 -21.93 -15.51 -19.98
CA HIS A 44 -20.75 -15.50 -19.13
C HIS A 44 -19.48 -15.15 -19.90
N ALA A 45 -19.37 -15.64 -21.13
CA ALA A 45 -18.25 -15.25 -21.99
C ALA A 45 -18.20 -13.75 -22.19
N ALA A 46 -19.33 -13.17 -22.63
CA ALA A 46 -19.44 -11.74 -22.82
C ALA A 46 -19.12 -10.97 -21.55
N ARG A 47 -19.44 -11.58 -20.39
CA ARG A 47 -19.31 -10.90 -19.10
C ARG A 47 -17.88 -10.46 -18.80
N SER A 48 -16.87 -11.22 -19.22
CA SER A 48 -15.50 -10.80 -18.99
C SER A 48 -14.67 -10.94 -20.26
N GLY A 49 -15.26 -10.48 -21.36
CA GLY A 49 -14.51 -10.24 -22.59
C GLY A 49 -13.70 -11.38 -23.12
N LYS A 50 -14.24 -12.61 -23.07
CA LYS A 50 -13.57 -13.77 -23.69
C LYS A 50 -14.16 -13.95 -25.08
N LEU A 51 -13.67 -13.12 -26.01
CA LEU A 51 -14.20 -13.12 -27.38
C LEU A 51 -14.08 -14.50 -28.03
N HIS A 52 -12.94 -15.18 -27.84
CA HIS A 52 -12.77 -16.50 -28.45
C HIS A 52 -13.78 -17.53 -27.93
N CYS A 53 -13.98 -17.59 -26.62
CA CYS A 53 -14.98 -18.53 -26.11
C CYS A 53 -16.38 -18.16 -26.58
N LEU A 54 -16.71 -16.86 -26.56
CA LEU A 54 -18.01 -16.38 -27.00
C LEU A 54 -18.26 -16.69 -28.47
N ARG A 55 -17.25 -16.48 -29.32
CA ARG A 55 -17.39 -16.79 -30.74
C ARG A 55 -17.60 -18.28 -30.95
N TYR A 56 -16.80 -19.10 -30.26
CA TYR A 56 -16.96 -20.53 -30.38
C TYR A 56 -18.34 -20.95 -29.86
N LEU A 57 -18.77 -20.31 -28.78
CA LEU A 57 -20.08 -20.60 -28.21
C LEU A 57 -21.20 -20.31 -29.21
N VAL A 58 -21.06 -19.29 -30.04
CA VAL A 58 -22.16 -19.05 -30.97
C VAL A 58 -21.98 -19.76 -32.33
N GLU A 59 -20.86 -19.52 -33.02
CA GLU A 59 -20.69 -20.05 -34.38
C GLU A 59 -20.55 -21.58 -34.41
N GLU A 60 -19.59 -22.11 -33.64
CA GLU A 60 -19.33 -23.56 -33.69
C GLU A 60 -20.40 -24.39 -32.96
N VAL A 61 -20.81 -23.99 -31.75
CA VAL A 61 -21.78 -24.81 -31.03
C VAL A 61 -23.22 -24.34 -31.25
N ALA A 62 -23.43 -23.35 -32.12
CA ALA A 62 -24.76 -22.89 -32.56
C ALA A 62 -25.67 -22.42 -31.42
N LEU A 63 -25.11 -22.04 -30.27
CA LEU A 63 -25.95 -21.46 -29.23
C LEU A 63 -26.40 -20.07 -29.63
N PRO A 64 -27.71 -19.77 -29.58
CA PRO A 64 -28.18 -18.40 -29.89
C PRO A 64 -27.54 -17.37 -28.97
N ALA A 65 -27.25 -16.20 -29.54
CA ALA A 65 -26.74 -15.08 -28.76
C ALA A 65 -27.79 -14.02 -28.49
N VAL A 66 -29.06 -14.32 -28.75
CA VAL A 66 -30.17 -13.39 -28.58
C VAL A 66 -31.02 -13.75 -27.37
N SER A 67 -30.58 -14.71 -26.56
CA SER A 67 -31.31 -15.17 -25.40
C SER A 67 -31.42 -14.05 -24.37
N ARG A 68 -32.55 -13.97 -23.70
CA ARG A 68 -32.74 -12.96 -22.66
C ARG A 68 -32.83 -13.57 -21.25
N ALA A 69 -32.07 -12.99 -20.33
CA ALA A 69 -32.15 -13.41 -18.94
C ALA A 69 -33.50 -12.95 -18.37
N ARG A 70 -33.72 -13.18 -17.07
CA ARG A 70 -35.01 -12.88 -16.46
C ARG A 70 -35.39 -11.41 -16.62
N ASN A 71 -34.42 -10.51 -16.59
CA ASN A 71 -34.68 -9.09 -16.72
C ASN A 71 -34.59 -8.60 -18.17
N GLY A 72 -34.50 -9.53 -19.14
CA GLY A 72 -34.37 -9.22 -20.54
C GLY A 72 -32.96 -8.90 -20.97
N ALA A 73 -31.96 -9.14 -20.14
CA ALA A 73 -30.57 -8.91 -20.56
C ALA A 73 -30.13 -10.02 -21.51
N THR A 74 -29.83 -9.63 -22.74
CA THR A 74 -29.15 -10.49 -23.69
C THR A 74 -27.64 -10.38 -23.46
N PRO A 75 -26.86 -11.26 -24.11
CA PRO A 75 -25.39 -11.21 -23.92
C PRO A 75 -24.74 -9.89 -24.27
N ALA A 76 -25.37 -9.10 -25.15
CA ALA A 76 -24.78 -7.83 -25.56
C ALA A 76 -24.96 -6.80 -24.47
N HIS A 77 -26.12 -6.81 -23.81
CA HIS A 77 -26.28 -6.02 -22.60
C HIS A 77 -25.18 -6.35 -21.59
N ASP A 78 -24.94 -7.66 -21.37
CA ASP A 78 -23.87 -8.10 -20.47
C ASP A 78 -22.53 -7.51 -20.85
N ALA A 79 -22.18 -7.58 -22.14
CA ALA A 79 -20.89 -7.09 -22.59
C ALA A 79 -20.78 -5.58 -22.41
N ALA A 80 -21.90 -4.85 -22.53
CA ALA A 80 -21.85 -3.40 -22.37
C ALA A 80 -21.71 -3.02 -20.90
N ALA A 81 -22.48 -3.65 -20.03
CA ALA A 81 -22.36 -3.38 -18.59
C ALA A 81 -20.92 -3.57 -18.11
N THR A 82 -20.35 -4.74 -18.39
CA THR A 82 -18.96 -5.05 -18.04
C THR A 82 -17.93 -4.36 -18.94
N GLY A 83 -18.36 -3.67 -20.00
CA GLY A 83 -17.45 -2.84 -20.76
C GLY A 83 -16.48 -3.53 -21.69
N TYR A 84 -16.72 -4.79 -22.06
CA TYR A 84 -15.81 -5.48 -22.98
C TYR A 84 -16.26 -5.22 -24.42
N LEU A 85 -15.63 -4.20 -25.01
CA LEU A 85 -16.03 -3.66 -26.31
C LEU A 85 -15.93 -4.69 -27.42
N SER A 86 -14.83 -5.47 -27.47
CA SER A 86 -14.62 -6.42 -28.56
C SER A 86 -15.72 -7.47 -28.63
N CYS A 87 -16.19 -7.95 -27.48
CA CYS A 87 -17.27 -8.92 -27.47
C CYS A 87 -18.58 -8.28 -27.90
N LEU A 88 -18.80 -7.03 -27.53
CA LEU A 88 -20.03 -6.37 -27.91
C LEU A 88 -20.06 -6.15 -29.42
N GLN A 89 -18.93 -5.73 -29.99
CA GLN A 89 -18.86 -5.51 -31.44
C GLN A 89 -19.23 -6.79 -32.17
N TRP A 90 -18.66 -7.92 -31.75
CA TRP A 90 -18.94 -9.18 -32.41
C TRP A 90 -20.42 -9.53 -32.31
N LEU A 91 -21.03 -9.28 -31.14
CA LEU A 91 -22.44 -9.60 -30.93
C LEU A 91 -23.36 -8.75 -31.81
N LEU A 92 -23.07 -7.45 -31.93
CA LEU A 92 -23.91 -6.57 -32.75
C LEU A 92 -23.69 -6.83 -34.25
N THR A 93 -22.43 -6.94 -34.68
CA THR A 93 -22.19 -7.12 -36.10
C THR A 93 -22.41 -8.57 -36.52
N GLN A 94 -21.40 -9.42 -36.24
CA GLN A 94 -21.49 -10.84 -36.59
C GLN A 94 -22.52 -11.58 -35.75
N GLY A 95 -22.59 -11.26 -34.44
CA GLY A 95 -23.38 -12.04 -33.50
C GLY A 95 -24.88 -12.11 -33.77
N GLY A 96 -25.50 -11.00 -34.15
CA GLY A 96 -26.95 -11.05 -34.30
C GLY A 96 -27.71 -10.18 -33.31
N CYS A 97 -27.02 -9.44 -32.46
CA CYS A 97 -27.70 -8.49 -31.60
C CYS A 97 -27.83 -7.17 -32.35
N ARG A 98 -28.93 -6.47 -32.06
CA ARG A 98 -29.31 -5.20 -32.65
C ARG A 98 -29.19 -4.10 -31.59
N VAL A 99 -28.56 -2.98 -31.96
CA VAL A 99 -28.12 -1.99 -30.98
C VAL A 99 -29.26 -1.31 -30.27
N GLN A 100 -30.50 -1.39 -30.78
CA GLN A 100 -31.62 -0.75 -30.10
C GLN A 100 -32.36 -1.70 -29.15
N GLU A 101 -31.82 -2.90 -28.92
CA GLU A 101 -32.47 -3.85 -28.05
C GLU A 101 -32.62 -3.30 -26.64
N LYS A 102 -33.81 -3.48 -26.06
CA LYS A 102 -34.14 -3.08 -24.70
C LYS A 102 -34.33 -4.27 -23.77
N ASP A 103 -33.82 -4.15 -22.54
CA ASP A 103 -34.22 -5.11 -21.53
C ASP A 103 -35.60 -4.73 -20.98
N ASN A 104 -36.08 -5.47 -19.99
CA ASN A 104 -37.46 -5.29 -19.55
C ASN A 104 -37.66 -4.00 -18.78
N SER A 105 -36.58 -3.30 -18.45
CA SER A 105 -36.61 -1.97 -17.86
C SER A 105 -36.50 -0.85 -18.89
N GLY A 106 -36.26 -1.17 -20.15
CA GLY A 106 -36.06 -0.19 -21.18
C GLY A 106 -34.61 0.10 -21.48
N ALA A 107 -33.68 -0.45 -20.72
CA ALA A 107 -32.28 -0.10 -20.92
C ALA A 107 -31.74 -0.76 -22.19
N THR A 108 -31.07 0.01 -23.01
CA THR A 108 -30.34 -0.54 -24.15
C THR A 108 -28.89 -0.69 -23.74
N VAL A 109 -28.05 -1.15 -24.66
CA VAL A 109 -26.63 -1.33 -24.36
C VAL A 109 -25.91 -0.01 -24.16
N LEU A 110 -26.41 1.08 -24.72
CA LEU A 110 -25.78 2.38 -24.50
C LEU A 110 -26.06 2.92 -23.11
N HIS A 111 -27.25 2.67 -22.56
CA HIS A 111 -27.49 3.00 -21.16
C HIS A 111 -26.46 2.31 -20.26
N LEU A 112 -26.38 0.98 -20.33
CA LEU A 112 -25.47 0.18 -19.51
C LEU A 112 -24.03 0.64 -19.66
N ALA A 113 -23.58 0.84 -20.91
CA ALA A 113 -22.25 1.37 -21.15
C ALA A 113 -22.03 2.67 -20.39
N ALA A 114 -23.03 3.53 -20.35
CA ALA A 114 -22.91 4.75 -19.56
C ALA A 114 -23.04 4.47 -18.06
N ARG A 115 -23.89 3.51 -17.68
CA ARG A 115 -24.19 3.32 -16.27
C ARG A 115 -22.94 2.86 -15.51
N PHE A 116 -22.13 2.03 -16.15
CA PHE A 116 -20.96 1.45 -15.52
C PHE A 116 -19.67 2.08 -16.03
N GLY A 117 -19.74 3.27 -16.62
CA GLY A 117 -18.57 4.06 -16.96
C GLY A 117 -17.50 3.48 -17.88
N HIS A 118 -17.82 3.28 -19.15
CA HIS A 118 -16.88 2.70 -20.10
C HIS A 118 -16.87 3.62 -21.31
N PRO A 119 -15.99 4.62 -21.30
CA PRO A 119 -16.05 5.63 -22.37
C PRO A 119 -15.82 5.04 -23.73
N ASP A 120 -14.97 4.02 -23.84
CA ASP A 120 -14.71 3.43 -25.15
C ASP A 120 -15.95 2.73 -25.69
N VAL A 121 -16.68 2.01 -24.85
CA VAL A 121 -17.89 1.35 -25.32
C VAL A 121 -18.92 2.38 -25.73
N VAL A 122 -19.02 3.48 -24.98
CA VAL A 122 -19.93 4.56 -25.34
C VAL A 122 -19.51 5.22 -26.64
N LYS A 123 -18.20 5.54 -26.78
CA LYS A 123 -17.73 6.24 -27.98
C LYS A 123 -17.94 5.41 -29.23
N TRP A 124 -17.71 4.11 -29.15
CA TRP A 124 -17.96 3.25 -30.30
C TRP A 124 -19.45 3.19 -30.64
N LEU A 125 -20.30 3.00 -29.62
CA LEU A 125 -21.72 2.83 -29.87
C LEU A 125 -22.32 4.06 -30.53
N LEU A 126 -21.85 5.25 -30.14
CA LEU A 126 -22.43 6.48 -30.69
C LEU A 126 -22.04 6.67 -32.15
N TYR A 127 -20.76 6.48 -32.48
CA TYR A 127 -20.22 6.96 -33.75
C TYR A 127 -20.07 5.89 -34.81
N GLN A 128 -19.84 4.64 -34.42
CA GLN A 128 -19.89 3.55 -35.38
C GLN A 128 -21.09 2.62 -35.19
N GLY A 129 -21.69 2.61 -34.01
CA GLY A 129 -22.68 1.59 -33.68
C GLY A 129 -24.12 1.91 -33.98
N GLY A 130 -24.47 3.17 -34.27
CA GLY A 130 -25.85 3.54 -34.55
C GLY A 130 -26.75 3.68 -33.32
N ALA A 131 -26.17 3.78 -32.13
CA ALA A 131 -26.96 3.82 -30.90
C ALA A 131 -27.72 5.14 -30.79
N ASN A 132 -28.95 5.06 -30.33
CA ASN A 132 -29.76 6.25 -30.11
C ASN A 132 -29.58 6.74 -28.67
N SER A 133 -29.02 7.94 -28.53
CA SER A 133 -28.80 8.59 -27.24
C SER A 133 -30.00 9.41 -26.77
N ALA A 134 -31.14 9.37 -27.47
CA ALA A 134 -32.32 10.10 -27.03
C ALA A 134 -33.36 9.23 -26.34
N ILE A 135 -33.05 7.95 -26.15
CA ILE A 135 -33.98 6.94 -25.66
C ILE A 135 -33.95 6.93 -24.15
N THR A 136 -35.12 6.87 -23.51
CA THR A 136 -35.23 6.77 -22.05
C THR A 136 -35.58 5.35 -21.60
N THR A 137 -35.06 4.95 -20.44
CA THR A 137 -35.59 3.78 -19.75
C THR A 137 -36.96 4.11 -19.17
N ASP A 138 -37.58 3.08 -18.57
CA ASP A 138 -38.89 3.24 -17.97
C ASP A 138 -38.89 4.25 -16.83
N THR A 139 -37.73 4.51 -16.21
CA THR A 139 -37.67 5.56 -15.19
C THR A 139 -37.45 6.94 -15.78
N GLY A 140 -37.19 7.01 -17.09
CA GLY A 140 -36.98 8.27 -17.76
C GLY A 140 -35.53 8.66 -17.89
N ALA A 141 -34.62 7.72 -17.72
CA ALA A 141 -33.19 8.01 -17.71
C ALA A 141 -32.63 7.93 -19.12
N LEU A 142 -31.94 8.98 -19.51
CA LEU A 142 -31.13 9.01 -20.71
C LEU A 142 -29.76 8.42 -20.39
N PRO A 143 -29.01 8.04 -21.42
CA PRO A 143 -27.60 7.68 -21.17
C PRO A 143 -26.82 8.77 -20.45
N ILE A 144 -27.15 10.05 -20.73
CA ILE A 144 -26.49 11.16 -20.06
C ILE A 144 -26.79 11.15 -18.56
N HIS A 145 -27.98 10.69 -18.15
CA HIS A 145 -28.24 10.62 -16.71
C HIS A 145 -27.32 9.60 -16.06
N TYR A 146 -27.02 8.51 -16.75
CA TYR A 146 -26.15 7.50 -16.16
C TYR A 146 -24.71 7.99 -16.06
N ALA A 147 -24.19 8.64 -17.10
CA ALA A 147 -22.80 9.08 -17.08
C ALA A 147 -22.57 10.14 -16.01
N ALA A 148 -23.55 11.03 -15.83
CA ALA A 148 -23.42 12.05 -14.79
C ALA A 148 -23.45 11.41 -13.41
N ALA A 149 -24.43 10.52 -13.17
CA ALA A 149 -24.50 9.85 -11.86
C ALA A 149 -23.27 8.98 -11.63
N LYS A 150 -22.79 8.30 -12.68
CA LYS A 150 -21.58 7.52 -12.53
C LYS A 150 -20.36 8.40 -12.26
N GLY A 151 -20.39 9.67 -12.67
CA GLY A 151 -19.18 10.46 -12.61
C GLY A 151 -18.24 10.27 -13.77
N ASP A 152 -18.72 9.72 -14.89
CA ASP A 152 -17.86 9.41 -16.03
C ASP A 152 -17.84 10.63 -16.95
N LEU A 153 -16.83 11.49 -16.80
CA LEU A 153 -16.80 12.73 -17.55
C LEU A 153 -16.48 12.51 -19.03
N PRO A 154 -15.56 11.60 -19.39
CA PRO A 154 -15.38 11.29 -20.82
C PRO A 154 -16.63 10.77 -21.51
N SER A 155 -17.35 9.81 -20.90
CA SER A 155 -18.61 9.36 -21.47
C SER A 155 -19.60 10.51 -21.60
N LEU A 156 -19.77 11.29 -20.52
CA LEU A 156 -20.67 12.43 -20.55
C LEU A 156 -20.31 13.41 -21.67
N LYS A 157 -19.01 13.67 -21.88
CA LYS A 157 -18.60 14.56 -22.96
C LYS A 157 -19.13 14.09 -24.30
N LEU A 158 -18.93 12.80 -24.60
CA LEU A 158 -19.45 12.23 -25.83
C LEU A 158 -20.97 12.39 -25.89
N LEU A 159 -21.64 12.17 -24.76
CA LEU A 159 -23.10 12.21 -24.79
C LEU A 159 -23.63 13.62 -24.96
N VAL A 160 -22.95 14.63 -24.41
CA VAL A 160 -23.38 16.00 -24.63
C VAL A 160 -23.20 16.40 -26.09
N GLY A 161 -22.06 16.05 -26.68
CA GLY A 161 -21.84 16.36 -28.09
C GLY A 161 -22.85 15.68 -29.00
N HIS A 162 -23.10 14.39 -28.77
CA HIS A 162 -24.02 13.63 -29.61
C HIS A 162 -25.47 14.07 -29.41
N TYR A 163 -25.92 14.29 -28.17
CA TYR A 163 -27.30 14.68 -27.90
C TYR A 163 -27.37 15.83 -26.91
N PRO A 164 -27.13 17.07 -27.38
CA PRO A 164 -27.05 18.21 -26.46
C PRO A 164 -28.37 18.58 -25.79
N GLU A 165 -29.53 18.23 -26.37
CA GLU A 165 -30.78 18.54 -25.67
C GLU A 165 -30.94 17.73 -24.39
N GLY A 166 -30.15 16.67 -24.21
CA GLY A 166 -30.24 15.93 -22.96
C GLY A 166 -29.68 16.69 -21.75
N VAL A 167 -29.05 17.85 -21.97
CA VAL A 167 -28.33 18.51 -20.89
C VAL A 167 -29.28 18.85 -19.73
N ASN A 168 -30.50 19.32 -20.03
CA ASN A 168 -31.46 19.69 -19.01
C ASN A 168 -32.65 18.74 -18.94
N ALA A 169 -32.52 17.54 -19.50
CA ALA A 169 -33.60 16.58 -19.47
C ALA A 169 -33.79 16.01 -18.08
N GLN A 170 -35.01 15.64 -17.76
CA GLN A 170 -35.39 15.22 -16.44
C GLN A 170 -35.92 13.79 -16.48
N THR A 171 -35.46 12.97 -15.54
CA THR A 171 -36.06 11.67 -15.32
C THR A 171 -37.51 11.83 -14.83
N ASN A 172 -38.21 10.71 -14.74
CA ASN A 172 -39.59 10.76 -14.30
C ASN A 172 -39.74 11.38 -12.90
N ASN A 173 -38.74 11.22 -12.03
CA ASN A 173 -38.86 11.90 -10.75
C ASN A 173 -38.24 13.30 -10.76
N GLY A 174 -37.88 13.83 -11.94
CA GLY A 174 -37.49 15.21 -12.05
C GLY A 174 -36.00 15.51 -12.00
N ALA A 175 -35.14 14.50 -11.83
CA ALA A 175 -33.71 14.74 -11.74
C ALA A 175 -33.07 15.09 -13.09
N THR A 176 -32.30 16.17 -13.12
CA THR A 176 -31.44 16.46 -14.26
C THR A 176 -30.14 15.68 -14.13
N PRO A 177 -29.31 15.65 -15.17
CA PRO A 177 -27.94 15.11 -14.98
C PRO A 177 -27.15 15.88 -13.91
N LEU A 178 -27.37 17.18 -13.77
CA LEU A 178 -26.68 17.96 -12.75
C LEU A 178 -27.14 17.54 -11.35
N TYR A 179 -28.45 17.40 -11.16
CA TYR A 179 -28.95 16.87 -9.89
C TYR A 179 -28.22 15.59 -9.53
N LEU A 180 -28.07 14.69 -10.50
CA LEU A 180 -27.51 13.38 -10.19
C LEU A 180 -26.03 13.50 -9.87
N ALA A 181 -25.33 14.35 -10.61
CA ALA A 181 -23.91 14.57 -10.35
C ALA A 181 -23.71 15.16 -8.97
N CYS A 182 -24.54 16.14 -8.59
CA CYS A 182 -24.40 16.78 -7.30
C CYS A 182 -24.73 15.81 -6.18
N GLN A 183 -25.80 15.02 -6.35
CA GLN A 183 -26.20 14.03 -5.37
C GLN A 183 -25.10 13.02 -5.14
N GLU A 184 -24.39 12.66 -6.20
CA GLU A 184 -23.38 11.63 -6.10
C GLU A 184 -22.00 12.17 -5.78
N GLY A 185 -21.84 13.49 -5.69
CA GLY A 185 -20.56 14.07 -5.32
C GLY A 185 -19.53 14.12 -6.42
N HIS A 186 -19.94 14.21 -7.67
CA HIS A 186 -18.98 14.22 -8.79
C HIS A 186 -18.73 15.67 -9.18
N LEU A 187 -17.65 16.23 -8.66
CA LEU A 187 -17.42 17.67 -8.83
C LEU A 187 -16.97 18.00 -10.26
N GLU A 188 -16.08 17.20 -10.85
CA GLU A 188 -15.61 17.51 -12.20
C GLU A 188 -16.76 17.48 -13.20
N VAL A 189 -17.61 16.44 -13.12
CA VAL A 189 -18.83 16.41 -13.92
C VAL A 189 -19.70 17.62 -13.63
N THR A 190 -19.82 18.00 -12.35
CA THR A 190 -20.66 19.15 -11.98
C THR A 190 -20.15 20.45 -12.60
N LYS A 191 -18.83 20.69 -12.57
CA LYS A 191 -18.29 21.91 -13.18
C LYS A 191 -18.52 21.92 -14.68
N TYR A 192 -18.41 20.76 -15.31
CA TYR A 192 -18.49 20.67 -16.76
C TYR A 192 -19.91 20.94 -17.27
N LEU A 193 -20.92 20.43 -16.55
CA LEU A 193 -22.30 20.69 -16.94
C LEU A 193 -22.65 22.16 -16.77
N VAL A 194 -22.14 22.81 -15.72
CA VAL A 194 -22.53 24.18 -15.47
C VAL A 194 -21.72 25.17 -16.31
N GLN A 195 -20.39 25.09 -16.22
CA GLN A 195 -19.55 26.00 -16.98
C GLN A 195 -19.82 25.84 -18.47
N GLU A 196 -19.57 24.64 -19.00
CA GLU A 196 -19.44 24.40 -20.42
C GLU A 196 -20.74 24.07 -21.14
N CYS A 197 -21.76 23.53 -20.45
CA CYS A 197 -22.99 23.14 -21.10
C CYS A 197 -24.19 23.96 -20.67
N SER A 198 -24.02 25.00 -19.87
CA SER A 198 -25.14 25.84 -19.48
C SER A 198 -26.28 25.02 -18.88
N ALA A 199 -25.91 24.00 -18.10
CA ALA A 199 -26.91 23.27 -17.35
C ALA A 199 -27.61 24.21 -16.38
N ASP A 200 -28.92 24.09 -16.31
CA ASP A 200 -29.70 24.90 -15.40
C ASP A 200 -29.51 24.30 -14.01
N PRO A 201 -29.05 25.06 -13.02
CA PRO A 201 -28.95 24.53 -11.66
C PRO A 201 -30.18 24.76 -10.79
N HIS A 202 -31.18 25.47 -11.32
CA HIS A 202 -32.44 25.69 -10.63
C HIS A 202 -33.55 24.75 -11.05
N LEU A 203 -33.32 23.87 -12.02
CA LEU A 203 -34.31 22.85 -12.38
C LEU A 203 -34.44 21.86 -11.23
N ARG A 204 -35.63 21.80 -10.63
CA ARG A 204 -35.91 21.01 -9.44
C ARG A 204 -36.37 19.59 -9.77
N ALA A 205 -36.09 18.66 -8.86
CA ALA A 205 -36.75 17.38 -8.88
C ALA A 205 -38.22 17.56 -8.50
N GLN A 206 -38.96 16.44 -8.58
CA GLN A 206 -40.41 16.43 -8.34
C GLN A 206 -40.78 16.86 -6.92
N ASP A 207 -39.89 16.60 -5.95
CA ASP A 207 -40.15 16.98 -4.57
C ASP A 207 -39.73 18.40 -4.25
N GLY A 208 -39.20 19.13 -5.21
CA GLY A 208 -38.82 20.51 -4.94
C GLY A 208 -37.35 20.71 -4.63
N MET A 209 -36.57 19.63 -4.55
CA MET A 209 -35.12 19.70 -4.28
C MET A 209 -34.34 20.15 -5.51
N THR A 210 -33.39 21.03 -5.28
CA THR A 210 -32.44 21.50 -6.27
C THR A 210 -31.17 20.71 -6.14
N PRO A 211 -30.27 20.77 -7.14
CA PRO A 211 -28.97 20.11 -6.99
C PRO A 211 -28.17 20.52 -5.75
N LEU A 212 -28.34 21.76 -5.28
CA LEU A 212 -27.72 22.20 -4.04
C LEU A 212 -28.17 21.37 -2.85
N HIS A 213 -29.48 21.11 -2.75
CA HIS A 213 -29.99 20.28 -1.68
C HIS A 213 -29.48 18.85 -1.78
N ALA A 214 -29.46 18.30 -3.01
CA ALA A 214 -28.92 16.95 -3.15
C ALA A 214 -27.48 16.87 -2.65
N ALA A 215 -26.66 17.88 -2.95
CA ALA A 215 -25.29 17.84 -2.42
C ALA A 215 -25.28 17.97 -0.90
N ALA A 216 -26.14 18.83 -0.36
CA ALA A 216 -26.20 18.97 1.10
C ALA A 216 -26.70 17.69 1.76
N GLN A 217 -27.73 17.07 1.18
CA GLN A 217 -28.33 15.85 1.74
C GLN A 217 -27.32 14.72 1.82
N MET A 218 -26.46 14.58 0.81
CA MET A 218 -25.52 13.47 0.75
C MET A 218 -24.15 13.83 1.31
N GLY A 219 -23.96 15.05 1.83
CA GLY A 219 -22.70 15.46 2.46
C GLY A 219 -21.55 15.81 1.53
N HIS A 220 -21.81 16.18 0.27
CA HIS A 220 -20.73 16.38 -0.69
C HIS A 220 -20.32 17.85 -0.65
N ASN A 221 -19.56 18.18 0.38
CA ASN A 221 -19.16 19.58 0.57
C ASN A 221 -18.40 20.16 -0.60
N PRO A 222 -17.45 19.46 -1.25
CA PRO A 222 -16.79 20.06 -2.41
C PRO A 222 -17.75 20.53 -3.48
N VAL A 223 -18.76 19.73 -3.81
CA VAL A 223 -19.74 20.15 -4.81
C VAL A 223 -20.53 21.35 -4.30
N LEU A 224 -20.98 21.29 -3.04
CA LEU A 224 -21.83 22.34 -2.50
C LEU A 224 -21.12 23.69 -2.53
N VAL A 225 -19.82 23.70 -2.19
CA VAL A 225 -19.02 24.93 -2.15
C VAL A 225 -18.87 25.50 -3.56
N TRP A 226 -18.51 24.68 -4.54
CA TRP A 226 -18.39 25.15 -5.91
C TRP A 226 -19.69 25.79 -6.38
N LEU A 227 -20.81 25.09 -6.15
CA LEU A 227 -22.11 25.54 -6.65
C LEU A 227 -22.47 26.91 -6.10
N VAL A 228 -22.42 27.03 -4.76
CA VAL A 228 -22.73 28.26 -4.04
C VAL A 228 -21.81 29.40 -4.43
N SER A 229 -20.55 29.10 -4.72
CA SER A 229 -19.61 30.18 -5.01
C SER A 229 -19.62 30.59 -6.47
N PHE A 230 -19.63 29.61 -7.39
CA PHE A 230 -19.39 29.85 -8.81
C PHE A 230 -20.56 29.52 -9.73
N ALA A 231 -21.77 29.25 -9.22
CA ALA A 231 -22.79 28.81 -10.15
C ALA A 231 -24.15 29.48 -9.91
N ASP A 232 -24.17 30.67 -9.33
CA ASP A 232 -25.40 31.47 -9.27
C ASP A 232 -26.50 30.76 -8.50
N VAL A 233 -26.08 29.92 -7.59
CA VAL A 233 -26.95 29.27 -6.62
C VAL A 233 -26.70 29.93 -5.29
N SER A 234 -27.76 30.22 -4.55
CA SER A 234 -27.66 30.83 -3.24
C SER A 234 -27.95 29.79 -2.18
N PHE A 235 -27.23 29.86 -1.05
CA PHE A 235 -27.57 28.91 0.01
C PHE A 235 -28.86 29.27 0.72
N SER A 236 -29.52 30.34 0.35
CA SER A 236 -30.88 30.45 0.88
C SER A 236 -31.90 29.64 0.08
N GLU A 237 -31.48 28.84 -0.94
CA GLU A 237 -32.44 28.09 -1.77
C GLU A 237 -33.27 27.18 -0.88
N GLN A 238 -34.52 27.00 -1.27
CA GLN A 238 -35.53 26.28 -0.52
C GLN A 238 -36.23 25.27 -1.42
N ASP A 239 -36.61 24.13 -0.81
CA ASP A 239 -37.46 23.13 -1.47
C ASP A 239 -38.92 23.47 -1.22
N HIS A 240 -39.85 22.61 -1.65
CA HIS A 240 -41.24 23.01 -1.54
C HIS A 240 -41.70 23.13 -0.09
N ASP A 241 -40.94 22.62 0.88
CA ASP A 241 -41.26 22.77 2.29
C ASP A 241 -40.46 23.88 2.97
N GLY A 242 -39.77 24.72 2.20
CA GLY A 242 -38.92 25.74 2.78
C GLY A 242 -37.66 25.21 3.42
N ALA A 243 -37.23 24.00 3.05
CA ALA A 243 -36.03 23.44 3.66
C ALA A 243 -34.81 23.91 2.86
N THR A 244 -33.77 24.35 3.58
CA THR A 244 -32.55 24.85 2.99
C THR A 244 -31.49 23.74 2.98
N ALA A 245 -30.37 24.05 2.29
CA ALA A 245 -29.21 23.17 2.36
C ALA A 245 -28.83 22.86 3.80
N MET A 246 -29.07 23.78 4.72
CA MET A 246 -28.61 23.55 6.08
C MET A 246 -29.50 22.53 6.77
N HIS A 247 -30.82 22.60 6.52
CA HIS A 247 -31.76 21.57 7.00
C HIS A 247 -31.35 20.18 6.58
N PHE A 248 -31.02 20.00 5.27
CA PHE A 248 -30.69 18.68 4.74
C PHE A 248 -29.37 18.18 5.32
N ALA A 249 -28.35 19.04 5.41
CA ALA A 249 -27.11 18.66 6.07
C ALA A 249 -27.35 18.24 7.52
N ALA A 250 -28.05 19.09 8.30
CA ALA A 250 -28.22 18.77 9.71
C ALA A 250 -28.97 17.46 9.88
N SER A 251 -30.02 17.28 9.08
CA SER A 251 -30.92 16.14 9.20
C SER A 251 -30.24 14.81 8.87
N ARG A 252 -29.17 14.85 8.09
CA ARG A 252 -28.47 13.64 7.70
C ARG A 252 -27.07 13.59 8.31
N GLY A 253 -26.80 14.47 9.26
CA GLY A 253 -25.57 14.39 10.03
C GLY A 253 -24.31 14.86 9.36
N HIS A 254 -24.38 15.76 8.37
CA HIS A 254 -23.21 16.18 7.60
C HIS A 254 -22.55 17.41 8.21
N THR A 255 -21.80 17.16 9.28
CA THR A 255 -21.13 18.23 10.04
C THR A 255 -20.23 19.10 9.14
N LYS A 256 -19.61 18.52 8.11
CA LYS A 256 -18.72 19.34 7.26
C LYS A 256 -19.53 20.37 6.48
N VAL A 257 -20.58 19.93 5.78
CA VAL A 257 -21.42 20.87 5.03
C VAL A 257 -22.02 21.90 5.96
N LEU A 258 -22.61 21.43 7.06
CA LEU A 258 -23.23 22.29 8.06
C LEU A 258 -22.26 23.36 8.54
N SER A 259 -21.02 22.97 8.88
CA SER A 259 -20.07 23.97 9.38
C SER A 259 -19.67 24.96 8.29
N TRP A 260 -19.44 24.48 7.07
CA TRP A 260 -19.08 25.41 6.01
C TRP A 260 -20.18 26.44 5.80
N LEU A 261 -21.44 25.96 5.71
CA LEU A 261 -22.60 26.85 5.58
C LEU A 261 -22.58 27.90 6.67
N LEU A 262 -22.39 27.46 7.93
CA LEU A 262 -22.47 28.38 9.04
C LEU A 262 -21.30 29.37 9.05
N LEU A 263 -20.10 28.93 8.63
CA LEU A 263 -18.95 29.84 8.60
C LEU A 263 -19.09 30.91 7.52
N HIS A 264 -19.76 30.59 6.39
CA HIS A 264 -19.84 31.57 5.31
C HIS A 264 -21.17 32.33 5.29
N GLY A 265 -21.93 32.29 6.38
CA GLY A 265 -23.01 33.23 6.57
C GLY A 265 -24.44 32.74 6.37
N ALA A 266 -24.67 31.45 6.15
CA ALA A 266 -26.04 31.00 5.92
C ALA A 266 -26.84 31.15 7.19
N GLU A 267 -28.10 31.55 7.06
CA GLU A 267 -28.89 31.81 8.25
C GLU A 267 -29.40 30.49 8.81
N ILE A 268 -29.87 30.52 10.05
CA ILE A 268 -30.49 29.33 10.64
C ILE A 268 -31.98 29.58 10.65
N SER A 269 -32.68 29.12 9.63
CA SER A 269 -34.03 29.61 9.44
C SER A 269 -35.05 28.49 9.60
N GLN A 270 -36.27 28.90 9.91
CA GLN A 270 -37.38 27.96 9.94
C GLN A 270 -37.83 27.62 8.52
N ASP A 271 -38.29 26.39 8.36
CA ASP A 271 -38.87 26.00 7.10
C ASP A 271 -40.34 26.38 7.17
N LEU A 272 -41.14 25.95 6.18
CA LEU A 272 -42.56 26.32 6.19
C LEU A 272 -43.27 25.79 7.43
N TRP A 273 -42.75 24.74 8.06
CA TRP A 273 -43.41 24.19 9.23
C TRP A 273 -42.85 24.71 10.54
N GLY A 274 -41.97 25.71 10.50
CA GLY A 274 -41.39 26.29 11.71
C GLY A 274 -40.16 25.58 12.24
N GLY A 275 -39.72 24.53 11.56
CA GLY A 275 -38.57 23.78 12.02
C GLY A 275 -37.28 24.37 11.49
N THR A 276 -36.31 24.43 12.36
CA THR A 276 -35.02 24.94 12.00
C THR A 276 -34.14 23.76 11.73
N PRO A 277 -32.93 23.96 11.22
CA PRO A 277 -32.03 22.83 11.04
C PRO A 277 -31.72 22.13 12.35
N LEU A 278 -31.88 22.82 13.49
CA LEU A 278 -31.70 22.17 14.78
C LEU A 278 -32.83 21.19 15.05
N HIS A 279 -34.08 21.56 14.73
CA HIS A 279 -35.18 20.60 14.83
C HIS A 279 -34.85 19.33 14.07
N ASP A 280 -34.33 19.47 12.84
CA ASP A 280 -33.99 18.32 11.99
C ASP A 280 -32.84 17.48 12.57
N ALA A 281 -31.79 18.14 13.04
CA ALA A 281 -30.70 17.41 13.69
C ALA A 281 -31.19 16.67 14.94
N ALA A 282 -31.93 17.35 15.81
CA ALA A 282 -32.44 16.69 17.02
C ALA A 282 -33.41 15.56 16.67
N GLU A 283 -34.32 15.79 15.72
CA GLU A 283 -35.29 14.74 15.37
C GLU A 283 -34.61 13.47 14.85
N ASN A 284 -33.49 13.61 14.14
CA ASN A 284 -32.74 12.47 13.62
C ASN A 284 -31.59 12.05 14.55
N GLY A 285 -31.48 12.66 15.73
CA GLY A 285 -30.50 12.25 16.70
C GLY A 285 -29.08 12.47 16.25
N GLU A 286 -28.81 13.59 15.58
CA GLU A 286 -27.46 13.96 15.14
C GLU A 286 -26.86 14.89 16.19
N LEU A 287 -26.23 14.30 17.20
CA LEU A 287 -25.77 15.10 18.36
C LEU A 287 -24.72 16.13 17.95
N GLU A 288 -23.75 15.73 17.15
CA GLU A 288 -22.70 16.70 16.78
C GLU A 288 -23.29 17.86 16.00
N CYS A 289 -24.28 17.61 15.13
CA CYS A 289 -24.93 18.72 14.42
C CYS A 289 -25.70 19.60 15.38
N CYS A 290 -26.43 18.96 16.33
CA CYS A 290 -27.08 19.72 17.40
C CYS A 290 -26.11 20.65 18.09
N GLN A 291 -24.90 20.16 18.40
CA GLN A 291 -23.94 20.98 19.13
C GLN A 291 -23.41 22.10 18.23
N ILE A 292 -23.08 21.79 16.97
CA ILE A 292 -22.57 22.81 16.06
C ILE A 292 -23.60 23.93 15.90
N LEU A 293 -24.87 23.55 15.76
CA LEU A 293 -25.93 24.55 15.61
C LEU A 293 -26.14 25.34 16.89
N ALA A 294 -26.11 24.67 18.05
CA ALA A 294 -26.25 25.36 19.33
C ALA A 294 -25.11 26.36 19.55
N VAL A 295 -23.86 25.93 19.31
CA VAL A 295 -22.74 26.87 19.39
C VAL A 295 -22.86 28.00 18.37
N ASN A 296 -23.47 27.75 17.21
CA ASN A 296 -23.61 28.86 16.28
C ASN A 296 -24.86 29.69 16.53
N GLY A 297 -25.49 29.54 17.71
CA GLY A 297 -26.56 30.42 18.14
C GLY A 297 -27.95 30.08 17.66
N ALA A 298 -28.21 28.85 17.22
CA ALA A 298 -29.59 28.47 16.90
C ALA A 298 -30.50 28.73 18.11
N GLY A 299 -31.73 29.16 17.86
CA GLY A 299 -32.63 29.34 18.99
C GLY A 299 -33.16 28.04 19.57
N LEU A 300 -32.71 27.63 20.76
CA LEU A 300 -33.06 26.30 21.27
C LEU A 300 -34.54 26.17 21.56
N ASP A 301 -35.21 27.28 21.89
CA ASP A 301 -36.60 27.24 22.32
C ASP A 301 -37.58 27.54 21.18
N VAL A 302 -37.11 27.64 19.94
CA VAL A 302 -38.02 27.90 18.84
C VAL A 302 -38.94 26.69 18.64
N ARG A 303 -40.24 26.95 18.54
CA ARG A 303 -41.23 25.89 18.36
C ARG A 303 -41.69 25.80 16.91
N ASP A 304 -41.86 24.58 16.42
CA ASP A 304 -42.38 24.39 15.07
C ASP A 304 -43.91 24.55 15.11
N HIS A 305 -44.57 24.20 14.01
CA HIS A 305 -46.01 24.41 13.88
C HIS A 305 -46.76 23.51 14.85
N ASP A 306 -46.17 22.38 15.22
CA ASP A 306 -46.78 21.50 16.20
C ASP A 306 -46.49 21.91 17.64
N GLY A 307 -45.75 23.01 17.82
CA GLY A 307 -45.40 23.46 19.14
C GLY A 307 -44.17 22.82 19.75
N TYR A 308 -43.40 22.07 18.98
CA TYR A 308 -42.26 21.32 19.51
C TYR A 308 -40.96 22.08 19.31
N THR A 309 -40.15 22.10 20.37
CA THR A 309 -38.74 22.48 20.27
C THR A 309 -37.93 21.32 19.70
N ALA A 310 -36.64 21.60 19.44
CA ALA A 310 -35.77 20.55 18.94
C ALA A 310 -35.57 19.48 19.99
N ALA A 311 -35.47 19.86 21.28
CA ALA A 311 -35.31 18.86 22.33
C ALA A 311 -36.53 17.95 22.40
N ASP A 312 -37.73 18.51 22.21
CA ASP A 312 -38.96 17.69 22.19
C ASP A 312 -38.87 16.59 21.14
N LEU A 313 -38.52 16.96 19.91
CA LEU A 313 -38.51 15.96 18.82
C LEU A 313 -37.49 14.87 19.12
N ALA A 314 -36.31 15.27 19.59
CA ALA A 314 -35.29 14.29 19.99
C ALA A 314 -35.84 13.36 21.05
N GLU A 315 -36.54 13.91 22.04
CA GLU A 315 -37.16 13.07 23.06
C GLU A 315 -38.16 12.11 22.45
N PHE A 316 -39.04 12.61 21.58
CA PHE A 316 -40.11 11.74 21.06
C PHE A 316 -39.55 10.58 20.23
N ASN A 317 -38.45 10.81 19.51
CA ASN A 317 -37.81 9.80 18.68
C ASN A 317 -36.69 9.06 19.40
N GLY A 318 -36.68 9.09 20.74
CA GLY A 318 -35.80 8.26 21.54
C GLY A 318 -34.35 8.70 21.60
N HIS A 319 -34.01 9.89 21.14
CA HIS A 319 -32.60 10.26 21.01
C HIS A 319 -32.24 10.98 22.31
N THR A 320 -31.77 10.20 23.30
CA THR A 320 -31.69 10.73 24.66
C THR A 320 -30.46 11.62 24.87
N HIS A 321 -29.35 11.34 24.19
CA HIS A 321 -28.22 12.24 24.35
C HIS A 321 -28.48 13.58 23.67
N CYS A 322 -29.25 13.59 22.57
CA CYS A 322 -29.61 14.88 21.97
C CYS A 322 -30.53 15.68 22.86
N SER A 323 -31.60 15.04 23.34
CA SER A 323 -32.50 15.71 24.29
C SER A 323 -31.75 16.18 25.55
N ARG A 324 -30.98 15.28 26.17
CA ARG A 324 -30.19 15.61 27.35
C ARG A 324 -29.35 16.86 27.12
N TYR A 325 -28.62 16.89 26.02
CA TYR A 325 -27.79 18.03 25.70
C TYR A 325 -28.64 19.29 25.52
N LEU A 326 -29.58 19.26 24.57
CA LEU A 326 -30.33 20.48 24.28
C LEU A 326 -31.08 20.97 25.50
N ARG A 327 -31.73 20.07 26.23
CA ARG A 327 -32.43 20.55 27.42
C ARG A 327 -31.48 21.16 28.44
N THR A 328 -30.27 20.61 28.58
CA THR A 328 -29.38 21.16 29.62
C THR A 328 -28.70 22.46 29.17
N VAL A 329 -28.35 22.58 27.88
CA VAL A 329 -27.87 23.85 27.31
C VAL A 329 -28.90 24.95 27.47
N GLN A 330 -30.19 24.62 27.36
CA GLN A 330 -31.21 25.64 27.59
C GLN A 330 -31.31 26.03 29.06
N THR A 331 -31.32 25.04 30.00
CA THR A 331 -31.39 25.46 31.41
C THR A 331 -30.11 26.13 31.86
N LEU A 332 -29.06 26.10 31.05
CA LEU A 332 -27.87 26.90 31.36
C LEU A 332 -28.20 28.37 31.25
N SER A 333 -28.78 28.78 30.12
CA SER A 333 -29.24 30.16 29.91
C SER A 333 -30.25 30.61 31.00
N GLY B 9 -36.44 14.34 2.50
CA GLY B 9 -36.56 13.90 1.13
C GLY B 9 -35.88 12.56 0.92
N GLN B 10 -36.09 11.94 -0.24
CA GLN B 10 -35.47 10.67 -0.57
C GLN B 10 -34.38 10.88 -1.61
N ILE B 11 -33.49 9.89 -1.74
CA ILE B 11 -32.46 9.98 -2.75
C ILE B 11 -33.05 9.54 -4.09
N LYS B 12 -32.60 10.17 -5.17
CA LYS B 12 -33.14 9.87 -6.49
C LYS B 12 -32.27 8.81 -7.14
N VAL B 13 -32.92 7.70 -7.50
CA VAL B 13 -32.22 6.57 -8.09
C VAL B 13 -32.72 6.35 -9.51
N LEU B 14 -31.88 5.71 -10.30
CA LEU B 14 -32.24 5.47 -11.70
C LEU B 14 -32.80 4.08 -11.92
N ASP B 15 -32.46 3.13 -11.04
CA ASP B 15 -32.86 1.74 -11.19
C ASP B 15 -33.44 1.20 -9.89
N GLY B 16 -34.02 0.02 -10.00
CA GLY B 16 -34.54 -0.69 -8.85
C GLY B 16 -33.41 -1.39 -8.12
N GLU B 17 -33.78 -2.18 -7.12
CA GLU B 17 -32.79 -2.87 -6.32
C GLU B 17 -32.34 -4.20 -6.95
N ASP B 18 -32.78 -4.49 -8.18
CA ASP B 18 -32.35 -5.72 -8.86
C ASP B 18 -30.83 -5.72 -8.97
N GLN B 19 -30.23 -6.88 -8.73
CA GLN B 19 -28.79 -7.00 -8.66
C GLN B 19 -28.15 -7.63 -9.90
N TYR B 20 -28.91 -7.88 -10.97
CA TYR B 20 -28.35 -8.60 -12.11
C TYR B 20 -27.13 -7.90 -12.70
N TYR B 21 -27.18 -6.60 -12.96
CA TYR B 21 -26.01 -5.97 -13.57
C TYR B 21 -24.90 -5.70 -12.56
N LYS B 22 -25.24 -5.26 -11.34
CA LYS B 22 -24.17 -5.00 -10.38
C LYS B 22 -23.40 -6.28 -10.13
N CYS B 23 -24.13 -7.39 -9.99
CA CYS B 23 -23.51 -8.69 -9.73
C CYS B 23 -23.17 -9.37 -11.04
N LEU B 24 -22.35 -8.68 -11.84
CA LEU B 24 -21.81 -9.20 -13.10
C LEU B 24 -20.30 -9.13 -13.11
N SER B 25 -19.73 -8.12 -12.48
CA SER B 25 -18.31 -8.04 -12.24
C SER B 25 -18.10 -8.86 -10.97
N PRO B 26 -16.84 -9.13 -10.53
CA PRO B 26 -16.69 -9.90 -9.29
C PRO B 26 -16.77 -9.00 -8.05
N GLY B 27 -17.86 -8.23 -7.96
CA GLY B 27 -18.12 -7.28 -6.90
C GLY B 27 -19.26 -7.60 -5.96
N ALA B 28 -19.78 -8.83 -5.95
CA ALA B 28 -20.89 -9.18 -5.06
C ALA B 28 -20.42 -10.12 -3.93
N MET C 3 8.40 21.17 26.87
CA MET C 3 8.45 21.87 25.58
C MET C 3 9.89 22.36 25.34
N ALA C 4 10.62 22.53 26.44
CA ALA C 4 12.00 22.97 26.33
C ALA C 4 12.84 21.92 25.62
N LEU C 5 12.66 20.66 26.01
CA LEU C 5 13.51 19.59 25.48
C LEU C 5 13.36 19.46 23.96
N GLU C 6 12.12 19.42 23.48
CA GLU C 6 11.92 19.26 22.04
C GLU C 6 12.47 20.43 21.24
N GLN C 7 12.30 21.66 21.74
CA GLN C 7 12.78 22.83 21.01
C GLN C 7 14.30 22.81 20.84
N ALA C 8 15.04 22.53 21.90
CA ALA C 8 16.50 22.53 21.81
C ALA C 8 16.97 21.49 20.79
N LEU C 9 16.41 20.28 20.88
CA LEU C 9 16.83 19.20 20.01
C LEU C 9 16.55 19.50 18.54
N GLN C 10 15.37 20.08 18.21
CA GLN C 10 15.03 20.38 16.80
C GLN C 10 15.89 21.50 16.23
N ALA C 11 16.20 22.52 17.02
CA ALA C 11 17.02 23.62 16.51
C ALA C 11 18.42 23.13 16.23
N ALA C 12 18.92 22.28 17.12
CA ALA C 12 20.28 21.76 17.02
C ALA C 12 20.43 20.85 15.82
N ARG C 13 19.35 20.16 15.43
CA ARG C 13 19.45 19.11 14.43
C ARG C 13 18.97 19.59 13.07
N LEU C 17 20.38 27.78 15.08
CA LEU C 17 21.32 28.55 15.90
C LEU C 17 20.60 29.72 16.54
N ASP C 18 19.71 30.36 15.78
CA ASP C 18 18.98 31.50 16.31
C ASP C 18 18.06 31.08 17.46
N VAL C 19 17.34 29.96 17.28
CA VAL C 19 16.55 29.37 18.35
C VAL C 19 17.44 28.96 19.53
N LEU C 20 18.58 28.30 19.26
CA LEU C 20 19.44 27.89 20.36
C LEU C 20 19.82 29.06 21.24
N ARG C 21 20.35 30.14 20.64
CA ARG C 21 20.69 31.30 21.44
C ARG C 21 19.47 31.93 22.08
N SER C 22 18.26 31.64 21.59
CA SER C 22 17.04 32.15 22.23
C SER C 22 16.71 31.37 23.50
N LEU C 23 16.54 30.05 23.38
CA LEU C 23 16.35 29.18 24.55
C LEU C 23 17.32 29.55 25.67
N HIS C 24 18.63 29.49 25.39
CA HIS C 24 19.67 29.84 26.35
C HIS C 24 19.41 31.18 27.04
N ALA C 25 19.27 32.26 26.26
CA ALA C 25 19.06 33.56 26.89
C ALA C 25 17.79 33.55 27.76
N ALA C 26 16.83 32.67 27.44
CA ALA C 26 15.64 32.49 28.27
C ALA C 26 15.88 31.56 29.46
N GLY C 27 17.14 31.17 29.71
CA GLY C 27 17.47 30.29 30.82
C GLY C 27 16.88 28.90 30.76
N LEU C 28 16.54 28.39 29.58
CA LEU C 28 15.92 27.07 29.46
C LEU C 28 16.89 25.95 29.20
N LEU C 29 18.10 26.26 28.77
CA LEU C 29 19.15 25.25 28.62
C LEU C 29 19.32 24.46 29.92
N SER C 32 20.61 19.90 32.07
CA SER C 32 20.46 18.46 32.25
C SER C 32 19.11 17.98 31.73
N LEU C 33 18.90 18.11 30.41
CA LEU C 33 17.61 17.80 29.77
C LEU C 33 17.72 16.44 29.07
N ARG C 34 17.63 15.38 29.87
CA ARG C 34 17.91 14.04 29.36
C ARG C 34 16.65 13.45 28.73
N ASP C 35 16.74 13.10 27.44
CA ASP C 35 15.64 12.51 26.67
C ASP C 35 15.48 11.03 27.07
N SER C 36 14.66 10.29 26.31
CA SER C 36 14.45 8.88 26.61
C SER C 36 15.76 8.10 26.50
N LEU C 37 16.55 8.39 25.46
CA LEU C 37 17.85 7.77 25.22
C LEU C 37 18.99 8.48 25.93
N ASP C 38 18.72 9.64 26.56
CA ASP C 38 19.66 10.51 27.28
C ASP C 38 20.61 11.26 26.37
N ALA C 39 20.26 11.39 25.09
CA ALA C 39 21.05 12.16 24.14
C ALA C 39 20.69 13.65 24.22
N LEU C 40 21.68 14.47 24.55
CA LEU C 40 21.51 15.89 24.81
C LEU C 40 21.49 16.64 23.48
N PRO C 41 21.29 17.97 23.50
CA PRO C 41 21.33 18.73 22.24
C PRO C 41 22.68 18.73 21.57
N VAL C 42 23.76 18.62 22.36
CA VAL C 42 25.09 18.37 21.82
C VAL C 42 25.11 17.10 20.98
N HIS C 43 24.33 16.09 21.39
CA HIS C 43 24.27 14.87 20.61
C HIS C 43 23.62 15.12 19.26
N HIS C 44 22.56 15.95 19.23
CA HIS C 44 21.79 16.17 18.01
C HIS C 44 22.53 17.08 17.02
N ALA C 45 23.25 18.07 17.52
CA ALA C 45 24.09 18.89 16.65
C ALA C 45 25.11 18.04 15.91
N ALA C 46 25.88 17.25 16.67
CA ALA C 46 26.87 16.35 16.08
C ALA C 46 26.24 15.41 15.08
N ARG C 47 24.97 15.05 15.32
CA ARG C 47 24.27 14.05 14.51
C ARG C 47 24.16 14.44 13.04
N SER C 48 24.02 15.73 12.74
CA SER C 48 23.93 16.14 11.34
C SER C 48 24.85 17.30 11.06
N GLY C 49 26.06 17.21 11.60
CA GLY C 49 27.15 18.08 11.17
C GLY C 49 26.87 19.56 11.23
N LYS C 50 26.19 20.03 12.29
CA LYS C 50 25.98 21.46 12.46
C LYS C 50 27.07 21.89 13.44
N LEU C 51 28.23 22.27 12.87
CA LEU C 51 29.37 22.65 13.69
C LEU C 51 29.08 23.92 14.48
N HIS C 52 28.43 24.92 13.86
CA HIS C 52 28.17 26.17 14.58
C HIS C 52 27.28 25.93 15.79
N CYS C 53 26.20 25.18 15.62
CA CYS C 53 25.33 24.94 16.76
C CYS C 53 26.05 24.15 17.85
N LEU C 54 26.83 23.13 17.44
CA LEU C 54 27.54 22.29 18.40
C LEU C 54 28.58 23.10 19.18
N ARG C 55 29.34 23.97 18.51
CA ARG C 55 30.35 24.76 19.20
C ARG C 55 29.70 25.69 20.22
N TYR C 56 28.60 26.34 19.83
CA TYR C 56 27.92 27.24 20.77
C TYR C 56 27.40 26.44 21.96
N LEU C 57 26.91 25.24 21.68
CA LEU C 57 26.37 24.35 22.70
C LEU C 57 27.43 24.01 23.77
N VAL C 58 28.68 23.84 23.37
CA VAL C 58 29.63 23.55 24.44
C VAL C 58 30.27 24.80 25.09
N GLU C 59 30.82 25.70 24.28
CA GLU C 59 31.61 26.81 24.82
C GLU C 59 30.76 27.91 25.48
N GLU C 60 29.83 28.51 24.73
CA GLU C 60 29.06 29.64 25.24
C GLU C 60 28.02 29.24 26.30
N VAL C 61 27.20 28.21 26.04
CA VAL C 61 26.19 27.81 27.02
C VAL C 61 26.83 27.14 28.24
N ALA C 62 27.96 26.43 28.04
CA ALA C 62 28.73 25.68 29.04
C ALA C 62 28.28 24.23 29.26
N LEU C 63 27.43 23.69 28.41
CA LEU C 63 27.01 22.31 28.57
C LEU C 63 28.19 21.39 28.22
N PRO C 64 28.41 20.29 28.97
CA PRO C 64 29.53 19.39 28.66
C PRO C 64 29.30 18.64 27.36
N ALA C 65 30.41 18.17 26.80
CA ALA C 65 30.40 17.42 25.56
C ALA C 65 30.81 15.97 25.78
N VAL C 66 30.95 15.56 27.04
CA VAL C 66 31.39 14.22 27.40
C VAL C 66 30.25 13.38 27.97
N SER C 67 29.02 13.88 27.88
CA SER C 67 27.86 13.20 28.43
C SER C 67 27.63 11.87 27.70
N ARG C 68 27.20 10.85 28.44
CA ARG C 68 26.97 9.53 27.86
C ARG C 68 25.48 9.16 27.79
N ALA C 69 25.06 8.71 26.61
CA ALA C 69 23.70 8.23 26.42
C ALA C 69 23.56 6.90 27.18
N ARG C 70 22.37 6.28 27.06
CA ARG C 70 22.09 5.05 27.79
C ARG C 70 23.08 3.95 27.45
N ASN C 71 23.53 3.88 26.19
CA ASN C 71 24.45 2.86 25.75
C ASN C 71 25.92 3.32 25.83
N GLY C 72 26.18 4.46 26.45
CA GLY C 72 27.50 5.06 26.56
C GLY C 72 27.95 5.89 25.37
N ALA C 73 27.05 6.22 24.46
CA ALA C 73 27.39 7.09 23.33
C ALA C 73 27.53 8.53 23.79
N THR C 74 28.71 9.08 23.65
CA THR C 74 28.96 10.50 23.76
C THR C 74 28.70 11.18 22.41
N PRO C 75 28.68 12.53 22.38
CA PRO C 75 28.47 13.24 21.10
C PRO C 75 29.47 12.89 20.02
N ALA C 76 30.69 12.45 20.38
CA ALA C 76 31.69 12.15 19.37
C ALA C 76 31.36 10.82 18.70
N HIS C 77 30.89 9.86 19.48
CA HIS C 77 30.33 8.65 18.88
C HIS C 77 29.23 9.01 17.87
N ASP C 78 28.33 9.92 18.27
CA ASP C 78 27.26 10.40 17.39
C ASP C 78 27.79 10.94 16.08
N ALA C 79 28.82 11.81 16.16
CA ALA C 79 29.38 12.41 14.94
C ALA C 79 30.08 11.37 14.09
N ALA C 80 30.66 10.35 14.71
CA ALA C 80 31.37 9.35 13.94
C ALA C 80 30.40 8.44 13.22
N ALA C 81 29.35 7.98 13.91
CA ALA C 81 28.34 7.17 13.26
C ALA C 81 27.76 7.89 12.05
N THR C 82 27.27 9.11 12.25
CA THR C 82 26.69 9.92 11.17
C THR C 82 27.74 10.46 10.20
N GLY C 83 29.03 10.29 10.49
CA GLY C 83 30.06 10.59 9.51
C GLY C 83 30.35 12.05 9.28
N TYR C 84 29.97 12.94 10.21
CA TYR C 84 30.28 14.37 10.09
C TYR C 84 31.61 14.66 10.76
N LEU C 85 32.66 14.64 9.94
CA LEU C 85 34.04 14.71 10.42
C LEU C 85 34.36 15.99 11.20
N SER C 86 33.90 17.14 10.72
CA SER C 86 34.24 18.41 11.34
C SER C 86 33.76 18.51 12.79
N CYS C 87 32.59 17.97 13.08
CA CYS C 87 32.09 18.00 14.45
C CYS C 87 32.90 17.08 15.35
N LEU C 88 33.35 15.95 14.81
CA LEU C 88 34.13 15.02 15.60
C LEU C 88 35.48 15.62 15.94
N GLN C 89 36.12 16.29 14.98
CA GLN C 89 37.43 16.92 15.23
C GLN C 89 37.33 17.91 16.38
N TRP C 90 36.31 18.76 16.33
CA TRP C 90 36.14 19.78 17.36
C TRP C 90 35.95 19.14 18.72
N LEU C 91 35.16 18.04 18.77
CA LEU C 91 34.91 17.37 20.04
C LEU C 91 36.16 16.70 20.62
N LEU C 92 36.96 16.05 19.77
CA LEU C 92 38.16 15.36 20.27
C LEU C 92 39.24 16.35 20.69
N THR C 93 39.53 17.34 19.85
CA THR C 93 40.57 18.29 20.19
C THR C 93 40.03 19.35 21.14
N GLN C 94 39.32 20.35 20.59
CA GLN C 94 38.80 21.43 21.44
C GLN C 94 37.73 20.94 22.42
N GLY C 95 36.83 20.05 21.95
CA GLY C 95 35.67 19.66 22.73
C GLY C 95 35.94 18.98 24.06
N GLY C 96 36.92 18.10 24.13
CA GLY C 96 37.17 17.38 25.37
C GLY C 96 36.91 15.90 25.32
N CYS C 97 36.53 15.35 24.19
CA CYS C 97 36.38 13.91 24.06
C CYS C 97 37.74 13.32 23.71
N ARG C 98 37.97 12.10 24.20
CA ARG C 98 39.23 11.39 23.97
C ARG C 98 38.96 10.24 23.00
N VAL C 99 39.90 10.01 22.08
CA VAL C 99 39.61 9.17 20.93
C VAL C 99 39.51 7.71 21.30
N GLN C 100 40.00 7.31 22.46
CA GLN C 100 39.89 5.90 22.84
C GLN C 100 38.65 5.61 23.68
N GLU C 101 37.76 6.59 23.85
CA GLU C 101 36.57 6.38 24.66
C GLU C 101 35.71 5.29 24.04
N LYS C 102 35.22 4.39 24.91
CA LYS C 102 34.36 3.28 24.53
C LYS C 102 32.94 3.48 25.04
N ASP C 103 31.95 3.13 24.20
CA ASP C 103 30.59 3.03 24.74
C ASP C 103 30.47 1.69 25.47
N ASN C 104 29.27 1.41 25.98
CA ASN C 104 29.10 0.26 26.86
C ASN C 104 29.18 -1.07 26.13
N SER C 105 29.20 -1.07 24.81
CA SER C 105 29.46 -2.30 24.04
C SER C 105 30.93 -2.44 23.68
N GLY C 106 31.75 -1.45 23.98
CA GLY C 106 33.15 -1.46 23.61
C GLY C 106 33.47 -0.68 22.35
N ALA C 107 32.46 -0.16 21.65
CA ALA C 107 32.77 0.51 20.40
C ALA C 107 33.44 1.86 20.67
N THR C 108 34.55 2.11 19.99
CA THR C 108 35.17 3.44 20.02
C THR C 108 34.64 4.22 18.81
N VAL C 109 35.11 5.45 18.62
CA VAL C 109 34.64 6.24 17.47
C VAL C 109 35.13 5.69 16.16
N LEU C 110 36.24 4.95 16.15
CA LEU C 110 36.72 4.38 14.90
C LEU C 110 35.87 3.19 14.48
N HIS C 111 35.34 2.43 15.43
CA HIS C 111 34.40 1.39 15.08
C HIS C 111 33.21 1.99 14.33
N LEU C 112 32.53 2.96 14.95
CA LEU C 112 31.34 3.58 14.36
C LEU C 112 31.61 4.14 12.96
N ALA C 113 32.71 4.88 12.79
CA ALA C 113 33.09 5.35 11.47
C ALA C 113 33.19 4.22 10.46
N ALA C 114 33.71 3.07 10.87
CA ALA C 114 33.75 1.93 9.96
C ALA C 114 32.37 1.30 9.81
N ARG C 115 31.56 1.30 10.86
CA ARG C 115 30.31 0.57 10.82
C ARG C 115 29.38 1.18 9.80
N PHE C 116 29.38 2.50 9.70
CA PHE C 116 28.46 3.22 8.84
C PHE C 116 29.16 3.77 7.60
N GLY C 117 30.34 3.26 7.28
CA GLY C 117 31.03 3.55 6.03
C GLY C 117 31.37 4.99 5.67
N HIS C 118 32.29 5.59 6.40
CA HIS C 118 32.70 6.98 6.18
C HIS C 118 34.21 7.02 6.08
N PRO C 119 34.76 6.84 4.88
CA PRO C 119 36.22 6.74 4.75
C PRO C 119 36.95 7.98 5.25
N ASP C 120 36.37 9.16 5.06
CA ASP C 120 37.06 10.36 5.50
C ASP C 120 37.19 10.38 7.01
N VAL C 121 36.12 10.01 7.73
CA VAL C 121 36.23 9.98 9.18
C VAL C 121 37.23 8.92 9.61
N VAL C 122 37.24 7.77 8.92
CA VAL C 122 38.21 6.72 9.24
C VAL C 122 39.62 7.20 8.95
N LYS C 123 39.83 7.82 7.78
CA LYS C 123 41.18 8.24 7.38
C LYS C 123 41.74 9.28 8.34
N TRP C 124 40.92 10.23 8.80
CA TRP C 124 41.38 11.20 9.78
C TRP C 124 41.69 10.53 11.12
N LEU C 125 40.81 9.65 11.56
CA LEU C 125 41.00 9.03 12.87
C LEU C 125 42.29 8.23 12.90
N LEU C 126 42.62 7.56 11.80
CA LEU C 126 43.83 6.73 11.77
C LEU C 126 45.10 7.57 11.75
N TYR C 127 45.17 8.60 10.90
CA TYR C 127 46.45 9.23 10.57
C TYR C 127 46.71 10.54 11.29
N GLN C 128 45.68 11.29 11.63
CA GLN C 128 45.87 12.43 12.52
C GLN C 128 45.27 12.22 13.89
N GLY C 129 44.32 11.32 14.05
CA GLY C 129 43.56 11.25 15.27
C GLY C 129 44.09 10.36 16.36
N GLY C 130 45.07 9.51 16.06
CA GLY C 130 45.61 8.63 17.09
C GLY C 130 44.75 7.43 17.46
N ALA C 131 43.77 7.08 16.63
CA ALA C 131 42.86 5.99 16.95
C ALA C 131 43.56 4.63 16.88
N ASN C 132 43.24 3.74 17.80
CA ASN C 132 43.77 2.39 17.78
C ASN C 132 42.83 1.47 17.01
N SER C 133 43.30 0.94 15.88
CA SER C 133 42.57 0.00 15.03
C SER C 133 42.77 -1.47 15.44
N ALA C 134 43.45 -1.74 16.54
CA ALA C 134 43.58 -3.13 16.99
C ALA C 134 42.60 -3.44 18.10
N ILE C 135 41.73 -2.51 18.44
CA ILE C 135 40.84 -2.63 19.59
C ILE C 135 39.59 -3.36 19.12
N THR C 136 39.13 -4.35 19.91
CA THR C 136 37.90 -5.09 19.62
C THR C 136 36.75 -4.64 20.52
N THR C 137 35.52 -4.66 19.99
CA THR C 137 34.35 -4.56 20.84
C THR C 137 34.13 -5.85 21.63
N ASP C 138 33.12 -5.82 22.50
CA ASP C 138 32.78 -6.96 23.35
C ASP C 138 32.36 -8.18 22.55
N THR C 139 31.90 -8.00 21.31
CA THR C 139 31.64 -9.16 20.46
C THR C 139 32.89 -9.62 19.74
N GLY C 140 33.99 -8.90 19.90
CA GLY C 140 35.27 -9.27 19.31
C GLY C 140 35.52 -8.63 17.97
N ALA C 141 34.78 -7.59 17.61
CA ALA C 141 34.89 -6.99 16.29
C ALA C 141 35.93 -5.89 16.26
N LEU C 142 36.83 -5.97 15.29
CA LEU C 142 37.75 -4.89 14.95
C LEU C 142 37.05 -3.91 14.03
N PRO C 143 37.61 -2.69 13.88
CA PRO C 143 37.09 -1.80 12.82
C PRO C 143 37.09 -2.44 11.43
N ILE C 144 38.08 -3.30 11.14
CA ILE C 144 38.13 -3.96 9.84
C ILE C 144 36.93 -4.87 9.63
N HIS C 145 36.40 -5.49 10.70
CA HIS C 145 35.21 -6.33 10.55
C HIS C 145 34.00 -5.50 10.12
N TYR C 146 33.88 -4.29 10.64
CA TYR C 146 32.75 -3.45 10.25
C TYR C 146 32.86 -2.98 8.80
N ALA C 147 34.05 -2.56 8.39
CA ALA C 147 34.22 -2.07 7.03
C ALA C 147 33.95 -3.17 6.02
N ALA C 148 34.36 -4.38 6.36
CA ALA C 148 34.08 -5.50 5.48
C ALA C 148 32.59 -5.78 5.40
N ALA C 149 31.91 -5.85 6.56
CA ALA C 149 30.47 -6.11 6.56
C ALA C 149 29.70 -4.98 5.88
N LYS C 150 30.09 -3.72 6.13
CA LYS C 150 29.46 -2.60 5.45
C LYS C 150 29.75 -2.60 3.95
N GLY C 151 30.85 -3.22 3.53
CA GLY C 151 31.27 -3.13 2.15
C GLY C 151 32.03 -1.88 1.79
N ASP C 152 32.59 -1.18 2.77
CA ASP C 152 33.25 0.10 2.53
C ASP C 152 34.70 -0.20 2.18
N LEU C 153 35.00 -0.28 0.88
CA LEU C 153 36.32 -0.71 0.42
C LEU C 153 37.37 0.37 0.68
N PRO C 154 37.06 1.67 0.50
CA PRO C 154 38.03 2.70 0.90
C PRO C 154 38.40 2.65 2.38
N SER C 155 37.41 2.53 3.27
CA SER C 155 37.72 2.36 4.70
C SER C 155 38.51 1.08 4.95
N LEU C 156 38.04 -0.04 4.38
CA LEU C 156 38.78 -1.29 4.53
C LEU C 156 40.22 -1.15 4.07
N LYS C 157 40.44 -0.46 2.95
CA LYS C 157 41.79 -0.26 2.44
C LYS C 157 42.67 0.41 3.49
N LEU C 158 42.19 1.52 4.08
CA LEU C 158 42.95 2.19 5.14
C LEU C 158 43.23 1.25 6.30
N LEU C 159 42.24 0.43 6.66
CA LEU C 159 42.39 -0.41 7.84
C LEU C 159 43.36 -1.55 7.61
N VAL C 160 43.39 -2.11 6.39
CA VAL C 160 44.34 -3.17 6.10
C VAL C 160 45.75 -2.60 6.10
N GLY C 161 45.93 -1.42 5.50
CA GLY C 161 47.24 -0.78 5.54
C GLY C 161 47.65 -0.44 6.96
N HIS C 162 46.74 0.16 7.74
CA HIS C 162 47.07 0.56 9.10
C HIS C 162 47.30 -0.64 10.03
N TYR C 163 46.45 -1.66 9.96
CA TYR C 163 46.57 -2.82 10.86
C TYR C 163 46.44 -4.12 10.07
N PRO C 164 47.51 -4.52 9.38
CA PRO C 164 47.42 -5.69 8.50
C PRO C 164 47.18 -7.01 9.21
N GLU C 165 47.53 -7.13 10.50
CA GLU C 165 47.23 -8.39 11.18
C GLU C 165 45.73 -8.57 11.35
N GLY C 166 44.93 -7.52 11.16
CA GLY C 166 43.49 -7.70 11.25
C GLY C 166 42.88 -8.49 10.10
N VAL C 167 43.65 -8.80 9.06
CA VAL C 167 43.06 -9.36 7.85
C VAL C 167 42.34 -10.68 8.17
N ASN C 168 42.94 -11.52 9.00
CA ASN C 168 42.37 -12.82 9.33
C ASN C 168 41.88 -12.90 10.78
N ALA C 169 41.67 -11.76 11.44
CA ALA C 169 41.20 -11.78 12.81
C ALA C 169 39.75 -12.23 12.85
N GLN C 170 39.37 -12.86 13.94
CA GLN C 170 38.05 -13.46 14.09
C GLN C 170 37.31 -12.84 15.26
N THR C 171 36.04 -12.51 15.03
CA THR C 171 35.16 -12.10 16.11
C THR C 171 34.96 -13.27 17.09
N ASN C 172 34.28 -12.98 18.20
CA ASN C 172 33.98 -14.03 19.18
C ASN C 172 33.18 -15.19 18.58
N ASN C 173 32.34 -14.95 17.59
CA ASN C 173 31.65 -16.08 16.98
C ASN C 173 32.41 -16.67 15.79
N GLY C 174 33.67 -16.26 15.59
CA GLY C 174 34.54 -16.92 14.65
C GLY C 174 34.61 -16.31 13.26
N ALA C 175 33.86 -15.24 12.97
CA ALA C 175 33.86 -14.62 11.63
C ALA C 175 35.09 -13.77 11.32
N THR C 176 35.69 -14.01 10.15
CA THR C 176 36.72 -13.12 9.59
C THR C 176 36.07 -11.96 8.86
N PRO C 177 36.86 -10.94 8.47
CA PRO C 177 36.28 -9.91 7.57
C PRO C 177 35.75 -10.48 6.25
N LEU C 178 36.39 -11.52 5.71
CA LEU C 178 35.97 -12.15 4.47
C LEU C 178 34.62 -12.84 4.66
N TYR C 179 34.49 -13.60 5.75
CA TYR C 179 33.20 -14.20 6.08
C TYR C 179 32.13 -13.13 6.06
N LEU C 180 32.41 -11.98 6.66
CA LEU C 180 31.37 -10.96 6.78
C LEU C 180 31.06 -10.35 5.44
N ALA C 181 32.10 -10.11 4.62
CA ALA C 181 31.86 -9.58 3.28
C ALA C 181 31.05 -10.57 2.44
N CYS C 182 31.40 -11.85 2.53
CA CYS C 182 30.70 -12.84 1.73
C CYS C 182 29.25 -12.96 2.19
N GLN C 183 29.04 -12.95 3.50
CA GLN C 183 27.72 -13.02 4.08
C GLN C 183 26.87 -11.85 3.62
N GLU C 184 27.48 -10.68 3.51
CA GLU C 184 26.73 -9.49 3.15
C GLU C 184 26.68 -9.22 1.66
N GLY C 185 27.36 -10.02 0.83
CA GLY C 185 27.29 -9.84 -0.61
C GLY C 185 28.14 -8.75 -1.20
N HIS C 186 29.26 -8.40 -0.60
CA HIS C 186 30.10 -7.29 -1.09
C HIS C 186 31.23 -7.93 -1.92
N LEU C 187 31.04 -7.97 -3.23
CA LEU C 187 31.97 -8.73 -4.04
C LEU C 187 33.30 -8.00 -4.18
N GLU C 188 33.27 -6.69 -4.40
CA GLU C 188 34.51 -5.93 -4.56
C GLU C 188 35.38 -6.03 -3.31
N VAL C 189 34.77 -5.86 -2.14
CA VAL C 189 35.48 -6.10 -0.87
C VAL C 189 36.00 -7.53 -0.82
N THR C 190 35.18 -8.52 -1.23
CA THR C 190 35.63 -9.91 -1.21
C THR C 190 36.83 -10.14 -2.11
N LYS C 191 36.81 -9.60 -3.33
CA LYS C 191 37.95 -9.79 -4.23
C LYS C 191 39.21 -9.14 -3.67
N TYR C 192 39.04 -7.99 -3.00
CA TYR C 192 40.19 -7.26 -2.50
C TYR C 192 40.85 -7.99 -1.33
N LEU C 193 40.05 -8.58 -0.44
CA LEU C 193 40.63 -9.33 0.67
C LEU C 193 41.36 -10.57 0.16
N VAL C 194 40.82 -11.22 -0.87
CA VAL C 194 41.42 -12.48 -1.32
C VAL C 194 42.64 -12.24 -2.20
N GLN C 195 42.47 -11.45 -3.26
CA GLN C 195 43.57 -11.18 -4.17
C GLN C 195 44.72 -10.49 -3.46
N GLU C 196 44.46 -9.31 -2.91
CA GLU C 196 45.50 -8.39 -2.50
C GLU C 196 45.97 -8.56 -1.06
N CYS C 197 45.15 -9.14 -0.18
CA CYS C 197 45.52 -9.27 1.22
C CYS C 197 45.70 -10.71 1.66
N SER C 198 45.63 -11.68 0.75
CA SER C 198 45.90 -13.07 1.08
C SER C 198 45.06 -13.51 2.28
N ALA C 199 43.82 -13.02 2.32
CA ALA C 199 42.87 -13.48 3.31
C ALA C 199 42.63 -14.98 3.13
N ASP C 200 42.56 -15.68 4.23
CA ASP C 200 42.30 -17.10 4.20
C ASP C 200 40.81 -17.31 3.95
N PRO C 201 40.43 -18.03 2.89
CA PRO C 201 39.01 -18.34 2.67
C PRO C 201 38.54 -19.63 3.32
N HIS C 202 39.46 -20.36 3.97
CA HIS C 202 39.09 -21.55 4.71
C HIS C 202 38.92 -21.33 6.22
N LEU C 203 39.15 -20.12 6.72
CA LEU C 203 38.92 -19.82 8.14
C LEU C 203 37.42 -19.88 8.46
N ARG C 204 37.03 -20.81 9.34
CA ARG C 204 35.63 -21.06 9.63
C ARG C 204 35.12 -20.22 10.81
N ALA C 205 33.84 -19.90 10.78
CA ALA C 205 33.17 -19.41 11.95
C ALA C 205 33.05 -20.54 12.96
N GLN C 206 32.55 -20.19 14.16
CA GLN C 206 32.48 -21.13 15.27
C GLN C 206 31.59 -22.32 14.96
N ASP C 207 30.57 -22.13 14.12
CA ASP C 207 29.66 -23.21 13.79
C ASP C 207 30.17 -24.08 12.65
N GLY C 208 31.35 -23.80 12.12
CA GLY C 208 31.90 -24.61 11.06
C GLY C 208 31.66 -24.11 9.65
N MET C 209 30.92 -22.99 9.49
CA MET C 209 30.63 -22.38 8.18
C MET C 209 31.82 -21.61 7.63
N THR C 210 32.07 -21.76 6.34
CA THR C 210 33.10 -21.03 5.60
C THR C 210 32.48 -19.83 4.93
N PRO C 211 33.28 -18.89 4.43
CA PRO C 211 32.71 -17.76 3.68
C PRO C 211 31.84 -18.19 2.51
N LEU C 212 32.17 -19.33 1.88
CA LEU C 212 31.34 -19.87 0.81
C LEU C 212 29.94 -20.19 1.31
N HIS C 213 29.83 -20.82 2.49
CA HIS C 213 28.52 -21.12 3.03
C HIS C 213 27.75 -19.85 3.36
N ALA C 214 28.43 -18.86 3.94
CA ALA C 214 27.72 -17.62 4.21
C ALA C 214 27.14 -17.01 2.93
N ALA C 215 27.89 -17.02 1.84
CA ALA C 215 27.33 -16.48 0.58
C ALA C 215 26.17 -17.32 0.06
N ALA C 216 26.28 -18.66 0.17
CA ALA C 216 25.18 -19.49 -0.28
C ALA C 216 23.94 -19.28 0.61
N GLN C 217 24.17 -19.19 1.92
CA GLN C 217 23.08 -19.02 2.88
C GLN C 217 22.31 -17.74 2.60
N MET C 218 23.01 -16.65 2.24
CA MET C 218 22.33 -15.37 2.01
C MET C 218 22.00 -15.11 0.55
N GLY C 219 22.28 -16.04 -0.36
CA GLY C 219 21.93 -15.92 -1.79
C GLY C 219 22.79 -15.00 -2.64
N HIS C 220 24.03 -14.72 -2.25
CA HIS C 220 24.83 -13.73 -2.96
C HIS C 220 25.62 -14.47 -4.04
N ASN C 221 24.92 -14.76 -5.12
CA ASN C 221 25.52 -15.57 -6.18
C ASN C 221 26.77 -14.95 -6.78
N PRO C 222 26.85 -13.63 -7.03
CA PRO C 222 28.12 -13.07 -7.54
C PRO C 222 29.31 -13.39 -6.65
N VAL C 223 29.16 -13.28 -5.33
CA VAL C 223 30.27 -13.61 -4.46
C VAL C 223 30.60 -15.09 -4.58
N LEU C 224 29.57 -15.93 -4.54
CA LEU C 224 29.79 -17.39 -4.52
C LEU C 224 30.51 -17.84 -5.79
N VAL C 225 30.15 -17.27 -6.93
CA VAL C 225 30.75 -17.66 -8.20
C VAL C 225 32.23 -17.28 -8.22
N TRP C 226 32.54 -16.04 -7.85
CA TRP C 226 33.94 -15.60 -7.82
C TRP C 226 34.78 -16.51 -6.91
N LEU C 227 34.30 -16.78 -5.70
CA LEU C 227 35.06 -17.56 -4.73
C LEU C 227 35.38 -18.94 -5.28
N VAL C 228 34.35 -19.65 -5.74
CA VAL C 228 34.50 -21.00 -6.29
C VAL C 228 35.41 -21.00 -7.51
N SER C 229 35.37 -19.95 -8.31
CA SER C 229 36.16 -19.96 -9.53
C SER C 229 37.58 -19.51 -9.32
N PHE C 230 37.78 -18.43 -8.56
CA PHE C 230 39.08 -17.73 -8.49
C PHE C 230 39.74 -17.72 -7.13
N ALA C 231 39.25 -18.46 -6.14
CA ALA C 231 39.83 -18.32 -4.82
C ALA C 231 40.06 -19.66 -4.15
N ASP C 232 40.27 -20.71 -4.94
CA ASP C 232 40.76 -21.98 -4.42
C ASP C 232 39.80 -22.59 -3.42
N VAL C 233 38.54 -22.24 -3.58
CA VAL C 233 37.44 -22.81 -2.81
C VAL C 233 36.69 -23.76 -3.72
N SER C 234 36.31 -24.91 -3.19
CA SER C 234 35.55 -25.89 -3.94
C SER C 234 34.10 -25.91 -3.46
N PHE C 235 33.15 -26.11 -4.38
CA PHE C 235 31.79 -26.19 -3.86
C PHE C 235 31.55 -27.48 -3.12
N SER C 236 32.53 -28.38 -2.99
CA SER C 236 32.24 -29.47 -2.08
C SER C 236 32.50 -29.13 -0.60
N GLU C 237 32.85 -27.87 -0.25
CA GLU C 237 33.15 -27.54 1.14
C GLU C 237 31.97 -27.86 2.04
N GLN C 238 32.28 -28.28 3.25
CA GLN C 238 31.32 -28.77 4.22
C GLN C 238 31.52 -28.06 5.54
N ASP C 239 30.40 -27.83 6.24
CA ASP C 239 30.44 -27.35 7.62
C ASP C 239 30.55 -28.54 8.57
N HIS C 240 30.46 -28.30 9.88
CA HIS C 240 30.68 -29.42 10.79
C HIS C 240 29.59 -30.47 10.70
N ASP C 241 28.45 -30.16 10.06
CA ASP C 241 27.39 -31.13 9.82
C ASP C 241 27.41 -31.73 8.43
N GLY C 242 28.49 -31.53 7.68
CA GLY C 242 28.54 -32.01 6.32
C GLY C 242 27.63 -31.27 5.38
N ALA C 243 27.20 -30.07 5.76
CA ALA C 243 26.32 -29.31 4.90
C ALA C 243 27.16 -28.53 3.91
N THR C 244 26.78 -28.58 2.62
CA THR C 244 27.44 -27.89 1.52
C THR C 244 26.72 -26.57 1.19
N ALA C 245 27.38 -25.79 0.31
CA ALA C 245 26.79 -24.58 -0.24
C ALA C 245 25.40 -24.86 -0.81
N MET C 246 25.18 -26.05 -1.35
CA MET C 246 23.91 -26.36 -1.96
C MET C 246 22.82 -26.57 -0.90
N HIS C 247 23.17 -27.21 0.24
CA HIS C 247 22.27 -27.31 1.39
C HIS C 247 21.81 -25.94 1.87
N PHE C 248 22.76 -25.00 2.06
CA PHE C 248 22.40 -23.68 2.61
C PHE C 248 21.53 -22.91 1.62
N ALA C 249 21.87 -22.97 0.34
CA ALA C 249 21.04 -22.36 -0.70
C ALA C 249 19.63 -22.92 -0.68
N ALA C 250 19.51 -24.27 -0.76
CA ALA C 250 18.19 -24.87 -0.85
C ALA C 250 17.36 -24.51 0.35
N SER C 251 18.00 -24.54 1.51
CA SER C 251 17.29 -24.37 2.78
C SER C 251 16.74 -22.97 2.95
N ARG C 252 17.31 -21.97 2.28
CA ARG C 252 16.83 -20.59 2.41
C ARG C 252 16.22 -20.10 1.10
N GLY C 253 15.98 -21.01 0.15
CA GLY C 253 15.20 -20.67 -1.02
C GLY C 253 15.92 -19.86 -2.07
N HIS C 254 17.27 -19.92 -2.14
CA HIS C 254 18.05 -19.08 -3.07
C HIS C 254 18.23 -19.86 -4.37
N THR C 255 17.16 -19.84 -5.19
CA THR C 255 17.14 -20.58 -6.45
C THR C 255 18.30 -20.22 -7.39
N LYS C 256 18.78 -18.97 -7.36
CA LYS C 256 19.86 -18.58 -8.28
C LYS C 256 21.15 -19.32 -7.94
N VAL C 257 21.56 -19.31 -6.68
CA VAL C 257 22.77 -20.03 -6.28
C VAL C 257 22.62 -21.51 -6.59
N LEU C 258 21.48 -22.07 -6.17
CA LEU C 258 21.17 -23.47 -6.35
C LEU C 258 21.34 -23.88 -7.81
N SER C 259 20.76 -23.08 -8.71
CA SER C 259 20.84 -23.41 -10.13
C SER C 259 22.25 -23.28 -10.65
N TRP C 260 22.95 -22.23 -10.24
CA TRP C 260 24.33 -22.09 -10.71
C TRP C 260 25.14 -23.30 -10.26
N LEU C 261 25.03 -23.67 -8.98
CA LEU C 261 25.73 -24.85 -8.47
C LEU C 261 25.41 -26.07 -9.32
N LEU C 262 24.12 -26.31 -9.58
CA LEU C 262 23.73 -27.52 -10.30
C LEU C 262 24.23 -27.50 -11.75
N LEU C 263 24.22 -26.33 -12.39
CA LEU C 263 24.72 -26.21 -13.76
C LEU C 263 26.23 -26.43 -13.85
N HIS C 264 26.99 -26.08 -12.80
CA HIS C 264 28.45 -26.21 -12.89
C HIS C 264 28.99 -27.46 -12.19
N GLY C 265 28.15 -28.43 -11.85
CA GLY C 265 28.63 -29.75 -11.51
C GLY C 265 28.62 -30.14 -10.03
N ALA C 266 28.07 -29.33 -9.13
CA ALA C 266 28.09 -29.71 -7.73
C ALA C 266 27.19 -30.91 -7.51
N GLU C 267 27.61 -31.82 -6.66
CA GLU C 267 26.80 -33.01 -6.47
C GLU C 267 25.65 -32.68 -5.53
N ILE C 268 24.67 -33.55 -5.51
CA ILE C 268 23.54 -33.43 -4.59
C ILE C 268 23.82 -34.49 -3.52
N SER C 269 24.44 -34.07 -2.43
CA SER C 269 25.00 -35.05 -1.51
C SER C 269 24.29 -34.98 -0.17
N GLN C 270 24.36 -36.09 0.55
CA GLN C 270 23.87 -36.12 1.92
C GLN C 270 24.86 -35.46 2.88
N ASP C 271 24.30 -34.84 3.90
CA ASP C 271 25.15 -34.29 4.93
C ASP C 271 25.39 -35.43 5.91
N LEU C 272 26.00 -35.12 7.04
CA LEU C 272 26.32 -36.17 8.00
C LEU C 272 25.08 -36.83 8.57
N TRP C 273 23.94 -36.15 8.50
CA TRP C 273 22.70 -36.70 9.00
C TRP C 273 21.84 -37.34 7.92
N GLY C 274 22.40 -37.58 6.73
CA GLY C 274 21.67 -38.21 5.63
C GLY C 274 20.80 -37.27 4.80
N GLY C 275 20.72 -36.01 5.18
CA GLY C 275 19.88 -35.09 4.45
C GLY C 275 20.58 -34.52 3.23
N THR C 276 19.85 -34.49 2.14
CA THR C 276 20.28 -33.89 0.89
C THR C 276 19.76 -32.48 0.87
N PRO C 277 20.20 -31.67 -0.11
CA PRO C 277 19.60 -30.33 -0.22
C PRO C 277 18.12 -30.37 -0.46
N LEU C 278 17.60 -31.46 -1.01
CA LEU C 278 16.15 -31.57 -1.17
C LEU C 278 15.47 -31.71 0.19
N HIS C 279 16.03 -32.49 1.10
CA HIS C 279 15.47 -32.54 2.47
C HIS C 279 15.35 -31.14 3.03
N ASP C 280 16.41 -30.33 2.86
CA ASP C 280 16.44 -28.96 3.40
C ASP C 280 15.43 -28.05 2.74
N ALA C 281 15.33 -28.11 1.41
CA ALA C 281 14.32 -27.32 0.70
C ALA C 281 12.90 -27.72 1.13
N ALA C 282 12.62 -29.02 1.17
CA ALA C 282 11.30 -29.49 1.59
C ALA C 282 10.99 -29.13 3.05
N GLU C 283 11.95 -29.33 3.95
CA GLU C 283 11.70 -29.04 5.37
C GLU C 283 11.34 -27.57 5.60
N ASN C 284 11.92 -26.66 4.81
CA ASN C 284 11.69 -25.21 4.88
C ASN C 284 10.61 -24.73 3.91
N GLY C 285 9.93 -25.63 3.21
CA GLY C 285 8.82 -25.23 2.34
C GLY C 285 9.24 -24.35 1.18
N GLU C 286 10.39 -24.64 0.57
CA GLU C 286 10.87 -23.91 -0.62
C GLU C 286 10.54 -24.74 -1.86
N LEU C 287 9.33 -24.51 -2.39
CA LEU C 287 8.82 -25.34 -3.49
C LEU C 287 9.68 -25.20 -4.75
N GLU C 288 10.07 -23.97 -5.11
CA GLU C 288 10.86 -23.82 -6.33
C GLU C 288 12.20 -24.55 -6.22
N CYS C 289 12.84 -24.50 -5.06
CA CYS C 289 14.10 -25.24 -4.89
C CYS C 289 13.87 -26.74 -4.96
N CYS C 290 12.79 -27.24 -4.30
CA CYS C 290 12.40 -28.65 -4.48
C CYS C 290 12.24 -29.02 -5.95
N GLN C 291 11.62 -28.15 -6.74
CA GLN C 291 11.40 -28.49 -8.15
C GLN C 291 12.72 -28.50 -8.92
N ILE C 292 13.56 -27.50 -8.68
CA ILE C 292 14.86 -27.45 -9.34
C ILE C 292 15.68 -28.69 -9.02
N LEU C 293 15.69 -29.10 -7.74
CA LEU C 293 16.46 -30.27 -7.34
C LEU C 293 15.87 -31.54 -7.93
N ALA C 294 14.55 -31.68 -7.90
CA ALA C 294 13.92 -32.86 -8.51
C ALA C 294 14.24 -32.95 -10.01
N VAL C 295 14.10 -31.82 -10.73
CA VAL C 295 14.49 -31.80 -12.14
C VAL C 295 15.97 -32.12 -12.33
N ASN C 296 16.83 -31.75 -11.38
CA ASN C 296 18.25 -32.06 -11.55
C ASN C 296 18.61 -33.45 -11.02
N GLY C 297 17.61 -34.31 -10.81
CA GLY C 297 17.81 -35.70 -10.49
C GLY C 297 18.02 -36.03 -9.03
N ALA C 298 17.65 -35.16 -8.10
CA ALA C 298 17.75 -35.50 -6.68
C ALA C 298 17.01 -36.80 -6.38
N GLY C 299 17.59 -37.63 -5.52
CA GLY C 299 16.88 -38.85 -5.15
C GLY C 299 15.70 -38.58 -4.22
N LEU C 300 14.48 -38.68 -4.72
CA LEU C 300 13.31 -38.29 -3.93
C LEU C 300 13.10 -39.22 -2.76
N ASP C 301 13.51 -40.48 -2.86
CA ASP C 301 13.23 -41.44 -1.81
C ASP C 301 14.38 -41.61 -0.81
N VAL C 302 15.41 -40.78 -0.90
CA VAL C 302 16.52 -40.91 0.03
C VAL C 302 16.04 -40.54 1.43
N ARG C 303 16.36 -41.41 2.39
CA ARG C 303 15.99 -41.21 3.79
C ARG C 303 17.17 -40.69 4.60
N ASP C 304 16.90 -39.75 5.48
CA ASP C 304 17.92 -39.23 6.38
C ASP C 304 18.12 -40.21 7.53
N HIS C 305 18.85 -39.78 8.57
CA HIS C 305 19.21 -40.66 9.67
C HIS C 305 17.98 -41.04 10.48
N ASP C 306 16.96 -40.19 10.47
CA ASP C 306 15.67 -40.45 11.11
C ASP C 306 14.74 -41.28 10.23
N GLY C 307 15.16 -41.68 9.04
CA GLY C 307 14.30 -42.45 8.17
C GLY C 307 13.35 -41.62 7.34
N TYR C 308 13.50 -40.29 7.30
CA TYR C 308 12.56 -39.42 6.59
C TYR C 308 13.08 -39.07 5.20
N THR C 309 12.16 -39.13 4.22
CA THR C 309 12.35 -38.51 2.91
C THR C 309 12.10 -37.00 3.00
N ALA C 310 12.39 -36.30 1.89
CA ALA C 310 12.16 -34.87 1.86
C ALA C 310 10.68 -34.56 1.95
N ALA C 311 9.84 -35.38 1.29
CA ALA C 311 8.40 -35.19 1.33
C ALA C 311 7.88 -35.34 2.76
N ASP C 312 8.45 -36.30 3.52
CA ASP C 312 8.09 -36.46 4.93
C ASP C 312 8.32 -35.18 5.71
N LEU C 313 9.51 -34.58 5.56
CA LEU C 313 9.84 -33.38 6.34
C LEU C 313 8.92 -32.21 5.98
N ALA C 314 8.64 -32.02 4.69
CA ALA C 314 7.67 -31.01 4.28
C ALA C 314 6.31 -31.27 4.91
N GLU C 315 5.88 -32.54 4.93
CA GLU C 315 4.62 -32.86 5.56
C GLU C 315 4.64 -32.50 7.05
N PHE C 316 5.70 -32.87 7.77
CA PHE C 316 5.70 -32.65 9.22
C PHE C 316 5.68 -31.18 9.58
N ASN C 317 6.31 -30.34 8.76
CA ASN C 317 6.36 -28.90 8.96
C ASN C 317 5.26 -28.15 8.21
N GLY C 318 4.19 -28.83 7.80
CA GLY C 318 3.00 -28.18 7.29
C GLY C 318 3.10 -27.63 5.88
N HIS C 319 4.14 -27.96 5.12
CA HIS C 319 4.36 -27.34 3.82
C HIS C 319 3.68 -28.24 2.82
N THR C 320 2.40 -27.92 2.54
CA THR C 320 1.55 -28.89 1.85
C THR C 320 1.80 -28.93 0.35
N HIS C 321 2.13 -27.79 -0.27
CA HIS C 321 2.44 -27.85 -1.70
C HIS C 321 3.76 -28.56 -1.96
N CYS C 322 4.73 -28.45 -1.05
CA CYS C 322 5.99 -29.17 -1.23
C CYS C 322 5.78 -30.66 -1.11
N SER C 323 5.11 -31.09 -0.06
CA SER C 323 4.75 -32.50 0.08
C SER C 323 3.93 -33.04 -1.11
N ARG C 324 2.84 -32.33 -1.44
CA ARG C 324 2.02 -32.70 -2.59
C ARG C 324 2.89 -32.92 -3.83
N TYR C 325 3.76 -31.96 -4.12
CA TYR C 325 4.61 -32.06 -5.28
C TYR C 325 5.52 -33.28 -5.21
N LEU C 326 6.36 -33.36 -4.16
CA LEU C 326 7.36 -34.43 -4.10
C LEU C 326 6.71 -35.79 -4.11
N ARG C 327 5.66 -35.97 -3.31
CA ARG C 327 5.01 -37.28 -3.31
C ARG C 327 4.44 -37.61 -4.68
N THR C 328 3.96 -36.62 -5.43
CA THR C 328 3.35 -36.97 -6.73
C THR C 328 4.40 -37.22 -7.81
N VAL C 329 5.51 -36.48 -7.80
CA VAL C 329 6.64 -36.76 -8.70
C VAL C 329 7.20 -38.16 -8.48
N GLN C 330 7.18 -38.64 -7.23
CA GLN C 330 7.65 -39.99 -6.93
C GLN C 330 6.67 -41.04 -7.43
N THR C 331 5.35 -40.87 -7.19
CA THR C 331 4.41 -41.86 -7.75
C THR C 331 4.32 -41.78 -9.26
N LEU C 332 4.87 -40.74 -9.88
CA LEU C 332 5.02 -40.75 -11.34
C LEU C 332 6.03 -41.82 -11.75
N SER C 333 7.22 -41.79 -11.15
CA SER C 333 8.23 -42.81 -11.40
C SER C 333 7.72 -44.23 -11.10
N GLY D 9 22.20 -23.10 10.28
CA GLY D 9 23.09 -22.19 10.96
C GLY D 9 22.43 -20.83 11.09
N GLN D 10 23.04 -19.94 11.88
CA GLN D 10 22.53 -18.60 12.08
C GLN D 10 23.40 -17.59 11.36
N ILE D 11 22.86 -16.38 11.15
CA ILE D 11 23.65 -15.32 10.54
C ILE D 11 24.54 -14.67 11.61
N LYS D 12 25.73 -14.25 11.23
CA LYS D 12 26.69 -13.65 12.15
C LYS D 12 26.54 -12.14 12.15
N VAL D 13 26.27 -11.57 13.32
CA VAL D 13 26.06 -10.15 13.43
C VAL D 13 27.16 -9.59 14.34
N LEU D 14 27.41 -8.29 14.18
CA LEU D 14 28.46 -7.68 14.98
C LEU D 14 27.91 -6.98 16.21
N ASP D 15 26.64 -6.59 16.18
CA ASP D 15 26.04 -5.83 17.28
C ASP D 15 24.72 -6.46 17.67
N GLY D 16 24.19 -5.97 18.78
CA GLY D 16 22.89 -6.38 19.26
C GLY D 16 21.80 -5.66 18.49
N GLU D 17 20.58 -5.87 18.93
CA GLU D 17 19.45 -5.26 18.25
C GLU D 17 19.19 -3.82 18.71
N ASP D 18 20.06 -3.23 19.55
CA ASP D 18 19.86 -1.85 19.97
C ASP D 18 19.81 -0.95 18.73
N GLN D 19 18.90 0.00 18.74
CA GLN D 19 18.64 0.84 17.59
C GLN D 19 19.21 2.27 17.72
N TYR D 20 20.02 2.54 18.76
CA TYR D 20 20.48 3.90 18.99
C TYR D 20 21.26 4.46 17.81
N TYR D 21 22.24 3.72 17.28
CA TYR D 21 23.02 4.29 16.17
C TYR D 21 22.28 4.20 14.83
N LYS D 22 21.59 3.09 14.55
CA LYS D 22 20.91 3.01 13.27
C LYS D 22 19.91 4.12 13.17
N CYS D 23 19.19 4.36 14.26
CA CYS D 23 18.17 5.41 14.33
C CYS D 23 18.83 6.71 14.76
N LEU D 24 19.82 7.13 13.96
CA LEU D 24 20.49 8.40 14.15
C LEU D 24 20.41 9.28 12.92
N SER D 25 20.45 8.67 11.75
CA SER D 25 20.19 9.40 10.54
C SER D 25 18.67 9.42 10.41
N PRO D 26 18.07 10.19 9.45
CA PRO D 26 16.61 10.16 9.30
C PRO D 26 16.12 9.00 8.43
N GLY D 27 16.55 7.78 8.78
CA GLY D 27 16.23 6.57 8.03
C GLY D 27 15.29 5.57 8.68
N ALA D 28 15.29 5.47 10.01
CA ALA D 28 14.39 4.52 10.69
C ALA D 28 13.27 5.28 11.41
#